data_9BHF
#
_entry.id   9BHF
#
_cell.length_a   66.166
_cell.length_b   49.540
_cell.length_c   121.389
_cell.angle_alpha   90.000
_cell.angle_beta   92.810
_cell.angle_gamma   90.000
#
_symmetry.space_group_name_H-M   'P 1 21 1'
#
loop_
_entity.id
_entity.type
_entity.pdbx_description
1 polymer 'DctP family TRAP transporter solute-binding subunit'
2 non-polymer 'N-acetyl-beta-neuraminic acid'
3 water water
#
_entity_poly.entity_id   1
_entity_poly.type   'polypeptide(L)'
_entity_poly.pdbx_seq_one_letter_code
;MDAEYDLKFGMNAGTSSNEYKAAEMFAKEVKEKSNGKIEISLYPSSQLGDDRAMLKQLKDGALDFTFAESARFQLFYPEA
AVFALPYVITNYEVAQKALHDTAFGKDLIQKMNKELGLTLLSQAYNGTRQTTSNRAINGIADMKGLKLRVPNAATNLAYA
KYVGASPTPMAFSEVYLALQTNSVDGQENPLATVQAQKFYEVQKYLAITNHILNDQLYLVSSETFADLPEDLQKVVKKAA
QKAAEYHTKLFVDGEKELVTFFEKQGVTVTHPDLTPFKDAMKPYYAEFVKQTGAKGEEVLKQIQAINK
;
_entity_poly.pdbx_strand_id   A,B
#
loop_
_chem_comp.id
_chem_comp.type
_chem_comp.name
_chem_comp.formula
SLB D-saccharide, beta linking 'N-acetyl-beta-neuraminic acid' 'C11 H19 N O9'
#
# COMPACT_ATOMS: atom_id res chain seq x y z
N MET A 1 10.88 6.63 47.16
CA MET A 1 12.08 7.15 46.45
C MET A 1 12.32 6.33 45.17
N ASP A 2 11.89 5.07 45.17
CA ASP A 2 11.90 4.31 43.92
C ASP A 2 10.94 4.92 42.91
N ALA A 3 11.21 4.68 41.62
CA ALA A 3 10.28 5.07 40.59
C ALA A 3 8.92 4.42 40.74
N GLU A 4 7.89 5.19 40.40
CA GLU A 4 6.54 4.66 40.32
C GLU A 4 6.22 4.15 38.93
N TYR A 5 6.83 4.72 37.91
CA TYR A 5 6.63 4.27 36.54
C TYR A 5 7.97 3.90 35.95
N ASP A 6 8.12 2.62 35.59
CA ASP A 6 9.32 2.10 34.97
C ASP A 6 9.04 1.90 33.49
N LEU A 7 9.41 2.88 32.68
CA LEU A 7 8.98 2.87 31.30
C LEU A 7 10.14 2.53 30.39
N LYS A 8 9.82 2.12 29.15
CA LYS A 8 10.80 1.65 28.20
C LYS A 8 10.66 2.36 26.86
N PHE A 9 11.81 2.69 26.26
CA PHE A 9 11.94 3.43 24.99
C PHE A 9 12.80 2.62 24.03
N GLY A 10 12.21 2.08 22.97
CA GLY A 10 12.94 1.25 22.03
C GLY A 10 13.23 2.03 20.76
N MET A 11 14.34 1.68 20.07
CA MET A 11 14.73 2.37 18.84
C MET A 11 15.67 1.50 18.04
N ASN A 12 15.61 1.71 16.71
CA ASN A 12 16.56 1.08 15.81
C ASN A 12 17.94 1.70 15.96
N ALA A 13 18.00 3.00 16.29
CA ALA A 13 19.28 3.69 16.24
C ALA A 13 20.21 3.12 17.30
N GLY A 14 21.51 3.17 17.01
CA GLY A 14 22.50 2.66 17.95
C GLY A 14 23.00 3.66 18.99
N THR A 15 23.84 3.13 19.88
CA THR A 15 24.30 3.91 21.00
C THR A 15 25.25 5.05 20.62
N SER A 16 25.70 5.18 19.36
CA SER A 16 26.49 6.34 18.97
C SER A 16 25.68 7.42 18.25
N SER A 17 24.36 7.28 18.17
CA SER A 17 23.56 8.09 17.24
C SER A 17 23.02 9.37 17.85
N ASN A 18 22.67 10.33 16.98
CA ASN A 18 21.94 11.50 17.49
C ASN A 18 20.65 11.09 18.17
N GLU A 19 19.92 10.12 17.60
CA GLU A 19 18.64 9.70 18.16
C GLU A 19 18.78 9.19 19.59
N TYR A 20 19.82 8.38 19.87
CA TYR A 20 20.10 7.91 21.22
C TYR A 20 20.45 9.07 22.15
N LYS A 21 21.32 9.99 21.71
CA LYS A 21 21.67 11.14 22.53
C LYS A 21 20.44 11.94 22.92
N ALA A 22 19.54 12.16 21.95
CA ALA A 22 18.35 12.95 22.27
C ALA A 22 17.40 12.17 23.17
N ALA A 23 17.28 10.85 22.94
CA ALA A 23 16.52 10.00 23.85
C ALA A 23 17.08 10.03 25.26
N GLU A 24 18.40 9.91 25.43
CA GLU A 24 19.00 10.10 26.75
C GLU A 24 18.61 11.44 27.37
N MET A 25 18.59 12.51 26.60
CA MET A 25 18.24 13.78 27.23
C MET A 25 16.77 13.74 27.66
N PHE A 26 15.92 13.13 26.82
CA PHE A 26 14.51 12.96 27.18
C PHE A 26 14.36 12.20 28.48
N ALA A 27 15.02 11.04 28.62
CA ALA A 27 14.92 10.28 29.85
C ALA A 27 15.46 11.05 31.05
N LYS A 28 16.56 11.77 30.89
CA LYS A 28 17.05 12.59 31.99
C LYS A 28 16.03 13.65 32.40
N GLU A 29 15.48 14.38 31.44
CA GLU A 29 14.55 15.45 31.78
C GLU A 29 13.34 14.90 32.49
N VAL A 30 12.82 13.78 32.00
CA VAL A 30 11.60 13.23 32.56
C VAL A 30 11.85 12.80 34.00
N LYS A 31 12.99 12.16 34.25
CA LYS A 31 13.34 11.73 35.61
C LYS A 31 13.52 12.92 36.51
N GLU A 32 14.24 13.92 36.04
CA GLU A 32 14.39 15.12 36.86
C GLU A 32 13.06 15.78 37.14
N LYS A 33 12.32 16.12 36.10
CA LYS A 33 11.14 16.95 36.27
C LYS A 33 9.98 16.20 36.91
N SER A 34 10.00 14.86 36.87
CA SER A 34 9.00 14.09 37.60
C SER A 34 9.41 13.88 39.04
N ASN A 35 10.55 14.44 39.46
CA ASN A 35 11.14 14.22 40.77
C ASN A 35 11.29 12.72 41.07
N GLY A 36 11.73 11.97 40.08
CA GLY A 36 12.05 10.58 40.31
C GLY A 36 10.93 9.61 40.05
N LYS A 37 9.71 10.10 39.91
CA LYS A 37 8.56 9.23 39.73
C LYS A 37 8.57 8.45 38.43
N ILE A 38 9.15 9.01 37.35
CA ILE A 38 9.29 8.31 36.08
C ILE A 38 10.76 8.03 35.79
N GLU A 39 11.05 6.78 35.47
CA GLU A 39 12.36 6.38 34.96
C GLU A 39 12.19 5.74 33.60
N ILE A 40 12.93 6.23 32.60
CA ILE A 40 12.86 5.69 31.26
C ILE A 40 14.16 4.97 30.93
N SER A 41 14.05 3.68 30.62
CA SER A 41 15.17 2.89 30.15
C SER A 41 15.15 2.75 28.63
N LEU A 42 16.36 2.69 28.07
CA LEU A 42 16.50 2.74 26.63
C LEU A 42 16.88 1.37 26.08
N TYR A 43 16.27 1.03 24.94
CA TYR A 43 16.51 -0.25 24.27
C TYR A 43 16.85 0.00 22.81
N PRO A 44 18.09 0.33 22.54
CA PRO A 44 18.47 0.66 21.17
C PRO A 44 18.90 -0.51 20.29
N SER A 45 19.41 -0.19 19.11
CA SER A 45 20.06 -1.14 18.22
C SER A 45 19.12 -2.25 17.72
N SER A 46 17.82 -1.97 17.68
CA SER A 46 16.79 -2.92 17.22
C SER A 46 16.72 -4.16 18.07
N GLN A 47 17.14 -4.10 19.34
CA GLN A 47 17.13 -5.32 20.14
C GLN A 47 15.72 -5.81 20.40
N LEU A 48 14.71 -4.95 20.24
CA LEU A 48 13.34 -5.38 20.43
C LEU A 48 12.63 -5.65 19.11
N GLY A 49 13.33 -5.51 17.99
CA GLY A 49 12.79 -5.56 16.65
C GLY A 49 12.97 -4.25 15.91
N ASP A 50 12.42 -4.17 14.70
CA ASP A 50 12.55 -2.91 13.96
C ASP A 50 11.43 -1.93 14.36
N ASP A 51 11.27 -0.84 13.60
CA ASP A 51 10.29 0.15 14.03
C ASP A 51 8.86 -0.31 13.84
N ARG A 52 8.58 -1.16 12.86
CA ARG A 52 7.23 -1.70 12.69
C ARG A 52 6.84 -2.51 13.92
N ALA A 53 7.77 -3.34 14.40
CA ALA A 53 7.52 -4.17 15.57
C ALA A 53 7.36 -3.33 16.82
N MET A 54 8.19 -2.32 17.00
CA MET A 54 8.05 -1.50 18.19
C MET A 54 6.75 -0.73 18.19
N LEU A 55 6.27 -0.32 17.01
CA LEU A 55 4.96 0.33 16.95
C LEU A 55 3.88 -0.60 17.45
N LYS A 56 3.94 -1.85 17.07
CA LYS A 56 2.92 -2.78 17.56
C LYS A 56 3.01 -2.93 19.07
N GLN A 57 4.21 -2.87 19.61
CA GLN A 57 4.42 -3.10 21.02
C GLN A 57 3.88 -1.93 21.82
N LEU A 58 3.98 -0.72 21.30
CA LEU A 58 3.33 0.39 21.98
C LEU A 58 1.81 0.15 22.05
N LYS A 59 1.20 -0.34 20.97
CA LYS A 59 -0.25 -0.59 20.99
C LYS A 59 -0.61 -1.63 22.04
N ASP A 60 0.18 -2.71 22.11
CA ASP A 60 -0.12 -3.80 23.03
C ASP A 60 0.28 -3.49 24.48
N GLY A 61 0.97 -2.38 24.73
CA GLY A 61 1.40 -2.00 26.06
C GLY A 61 2.79 -2.44 26.46
N ALA A 62 3.42 -3.33 25.69
CA ALA A 62 4.69 -3.92 26.08
C ALA A 62 5.87 -2.98 25.95
N LEU A 63 5.68 -1.81 25.36
CA LEU A 63 6.78 -0.86 25.14
C LEU A 63 6.09 0.48 25.26
N ASP A 64 6.75 1.44 25.92
CA ASP A 64 6.09 2.69 26.22
C ASP A 64 6.41 3.80 25.22
N PHE A 65 7.65 3.91 24.75
CA PHE A 65 8.06 4.97 23.83
C PHE A 65 8.83 4.40 22.65
N THR A 66 8.71 5.05 21.48
CA THR A 66 9.51 4.69 20.31
C THR A 66 9.53 5.86 19.36
N PHE A 67 10.35 5.72 18.32
CA PHE A 67 10.48 6.68 17.23
C PHE A 67 9.78 6.13 15.99
N ALA A 68 9.25 7.04 15.17
CA ALA A 68 8.80 6.67 13.83
C ALA A 68 8.82 7.92 12.96
N GLU A 69 9.06 7.72 11.67
CA GLU A 69 8.85 8.77 10.67
C GLU A 69 7.37 8.92 10.31
N SER A 70 6.97 10.16 10.01
CA SER A 70 5.64 10.36 9.46
C SER A 70 5.36 9.37 8.33
N ALA A 71 6.33 9.18 7.45
CA ALA A 71 6.17 8.32 6.28
C ALA A 71 5.95 6.86 6.62
N ARG A 72 6.36 6.42 7.80
CA ARG A 72 6.16 5.02 8.10
C ARG A 72 4.68 4.62 8.09
N PHE A 73 3.79 5.55 8.40
CA PHE A 73 2.37 5.24 8.46
C PHE A 73 1.76 4.95 7.08
N GLN A 74 2.55 5.08 6.02
CA GLN A 74 2.11 4.59 4.72
C GLN A 74 1.74 3.11 4.82
N LEU A 75 2.28 2.36 5.79
CA LEU A 75 1.94 0.94 5.96
C LEU A 75 0.45 0.73 6.23
N PHE A 76 -0.19 1.70 6.87
CA PHE A 76 -1.57 1.64 7.29
C PHE A 76 -2.45 2.57 6.46
N TYR A 77 -1.90 3.70 6.05
CA TYR A 77 -2.64 4.72 5.29
C TYR A 77 -1.78 5.04 4.08
N PRO A 78 -2.07 4.45 2.92
CA PRO A 78 -1.11 4.48 1.80
C PRO A 78 -0.86 5.84 1.25
N GLU A 79 -1.81 6.76 1.37
CA GLU A 79 -1.54 8.11 0.93
C GLU A 79 -0.44 8.79 1.77
N ALA A 80 -0.16 8.30 2.98
CA ALA A 80 0.91 8.86 3.80
C ALA A 80 2.30 8.61 3.21
N ALA A 81 2.39 7.80 2.17
CA ALA A 81 3.66 7.72 1.47
C ALA A 81 4.11 9.10 0.94
N VAL A 82 3.22 10.10 0.88
CA VAL A 82 3.61 11.39 0.32
C VAL A 82 4.79 11.99 1.05
N PHE A 83 4.84 11.79 2.36
CA PHE A 83 5.95 12.30 3.14
C PHE A 83 7.30 11.86 2.58
N ALA A 84 7.40 10.69 1.95
CA ALA A 84 8.70 10.21 1.53
C ALA A 84 8.79 10.03 0.03
N LEU A 85 7.80 10.46 -0.75
CA LEU A 85 7.99 10.46 -2.19
C LEU A 85 9.27 11.26 -2.46
N PRO A 86 10.29 10.71 -3.11
CA PRO A 86 11.55 11.46 -3.22
C PRO A 86 11.33 12.82 -3.88
N TYR A 87 11.99 13.83 -3.31
CA TYR A 87 12.10 15.20 -3.75
C TYR A 87 10.81 15.98 -3.60
N VAL A 88 9.76 15.43 -2.97
CA VAL A 88 8.51 16.18 -2.78
C VAL A 88 8.61 17.15 -1.60
N ILE A 89 8.98 16.66 -0.42
CA ILE A 89 9.21 17.52 0.75
C ILE A 89 10.63 18.03 0.67
N THR A 90 10.80 19.34 0.48
CA THR A 90 12.13 19.82 0.16
C THR A 90 12.87 20.41 1.37
N ASN A 91 12.22 20.65 2.49
CA ASN A 91 12.89 21.11 3.70
C ASN A 91 12.08 20.75 4.92
N TYR A 92 12.70 20.91 6.09
CA TYR A 92 12.09 20.43 7.31
C TYR A 92 10.87 21.26 7.68
N GLU A 93 10.86 22.55 7.32
CA GLU A 93 9.69 23.34 7.70
C GLU A 93 8.44 22.87 6.98
N VAL A 94 8.57 22.49 5.73
CA VAL A 94 7.47 21.84 5.05
C VAL A 94 7.06 20.57 5.78
N ALA A 95 8.05 19.79 6.25
CA ALA A 95 7.71 18.53 6.91
C ALA A 95 6.95 18.77 8.19
N GLN A 96 7.31 19.80 8.93
CA GLN A 96 6.50 20.19 10.07
C GLN A 96 5.08 20.57 9.67
N LYS A 97 4.94 21.44 8.68
CA LYS A 97 3.61 21.93 8.32
C LYS A 97 2.79 20.85 7.67
N ALA A 98 3.41 19.88 7.00
CA ALA A 98 2.66 18.81 6.36
C ALA A 98 1.96 17.96 7.39
N LEU A 99 2.62 17.73 8.51
CA LEU A 99 2.03 16.89 9.54
C LEU A 99 1.05 17.65 10.40
N HIS A 100 1.37 18.88 10.76
CA HIS A 100 0.59 19.58 11.77
C HIS A 100 -0.40 20.59 11.22
N ASP A 101 -0.17 21.17 10.05
CA ASP A 101 -1.03 22.24 9.54
C ASP A 101 -1.95 21.86 8.39
N THR A 102 -1.97 20.59 7.95
CA THR A 102 -2.85 20.16 6.89
C THR A 102 -4.02 19.35 7.44
N ALA A 103 -5.14 19.36 6.71
CA ALA A 103 -6.22 18.48 7.09
C ALA A 103 -5.73 17.04 7.17
N PHE A 104 -5.01 16.60 6.16
CA PHE A 104 -4.55 15.22 6.15
C PHE A 104 -3.63 14.91 7.33
N GLY A 105 -2.70 15.81 7.65
CA GLY A 105 -1.79 15.58 8.75
C GLY A 105 -2.51 15.52 10.05
N LYS A 106 -3.44 16.44 10.27
N LYS A 106 -3.45 16.44 10.27
CA LYS A 106 -4.17 16.44 11.53
CA LYS A 106 -4.19 16.43 11.53
C LYS A 106 -5.01 15.18 11.67
C LYS A 106 -5.02 15.17 11.67
N ASP A 107 -5.59 14.71 10.58
N ASP A 107 -5.61 14.69 10.57
CA ASP A 107 -6.36 13.46 10.62
CA ASP A 107 -6.39 13.46 10.59
C ASP A 107 -5.47 12.26 10.88
C ASP A 107 -5.48 12.25 10.87
N LEU A 108 -4.29 12.24 10.28
CA LEU A 108 -3.34 11.17 10.56
C LEU A 108 -3.00 11.12 12.05
N ILE A 109 -2.79 12.27 12.68
CA ILE A 109 -2.48 12.23 14.11
C ILE A 109 -3.62 11.61 14.90
N GLN A 110 -4.87 11.92 14.57
CA GLN A 110 -6.00 11.31 15.27
C GLN A 110 -6.10 9.80 15.03
N LYS A 111 -5.91 9.35 13.80
CA LYS A 111 -5.95 7.91 13.56
C LYS A 111 -4.82 7.16 14.27
N MET A 112 -3.65 7.77 14.36
CA MET A 112 -2.55 7.14 15.05
C MET A 112 -2.97 6.80 16.49
N ASN A 113 -3.68 7.73 17.13
CA ASN A 113 -4.17 7.48 18.47
C ASN A 113 -5.34 6.51 18.48
N LYS A 114 -6.41 6.76 17.72
CA LYS A 114 -7.62 5.96 17.87
C LYS A 114 -7.44 4.56 17.27
N GLU A 115 -6.72 4.46 16.18
CA GLU A 115 -6.52 3.16 15.53
C GLU A 115 -5.23 2.47 15.94
N LEU A 116 -4.14 3.18 16.16
CA LEU A 116 -2.85 2.54 16.38
C LEU A 116 -2.41 2.62 17.82
N GLY A 117 -3.19 3.25 18.69
CA GLY A 117 -2.72 3.29 20.06
C GLY A 117 -1.49 4.16 20.34
N LEU A 118 -1.23 5.18 19.51
CA LEU A 118 -0.05 6.03 19.58
C LEU A 118 -0.45 7.47 19.84
N THR A 119 0.21 8.10 20.82
CA THR A 119 0.13 9.53 21.09
C THR A 119 1.42 10.22 20.69
N LEU A 120 1.27 11.24 19.87
CA LEU A 120 2.39 12.01 19.36
C LEU A 120 2.77 13.08 20.37
N LEU A 121 4.02 13.03 20.84
CA LEU A 121 4.60 13.98 21.77
C LEU A 121 5.33 15.12 21.09
N SER A 122 6.06 14.87 20.01
N SER A 122 6.12 14.84 20.06
CA SER A 122 6.82 15.94 19.38
CA SER A 122 6.89 15.90 19.43
C SER A 122 7.37 15.41 18.09
C SER A 122 7.42 15.38 18.10
N GLN A 123 7.91 16.32 17.29
CA GLN A 123 8.51 16.01 15.99
C GLN A 123 9.89 16.65 15.88
N ALA A 124 10.83 15.91 15.28
CA ALA A 124 12.19 16.42 15.12
C ALA A 124 12.62 16.27 13.65
N TYR A 125 13.74 16.90 13.30
CA TYR A 125 14.42 16.60 12.05
C TYR A 125 15.42 15.46 12.25
N ASN A 126 15.44 14.49 11.33
CA ASN A 126 16.33 13.34 11.38
C ASN A 126 17.20 13.26 10.13
N GLY A 127 17.47 14.40 9.51
CA GLY A 127 18.35 14.50 8.37
C GLY A 127 17.72 14.20 7.02
N THR A 128 18.48 14.55 5.98
CA THR A 128 18.16 14.23 4.60
C THR A 128 19.03 13.11 4.10
N ARG A 129 18.41 12.12 3.46
CA ARG A 129 19.13 10.92 3.03
C ARG A 129 20.00 11.22 1.82
N GLN A 130 21.18 10.59 1.83
CA GLN A 130 22.20 10.65 0.81
C GLN A 130 22.54 9.22 0.44
N THR A 131 23.40 9.03 -0.55
CA THR A 131 23.69 7.72 -1.11
C THR A 131 25.18 7.41 -1.07
N THR A 132 25.54 6.36 -0.34
CA THR A 132 26.90 5.86 -0.36
CA THR A 132 26.91 5.86 -0.37
C THR A 132 27.04 4.63 -1.25
N SER A 133 28.28 4.36 -1.67
CA SER A 133 28.53 3.26 -2.58
C SER A 133 30.01 2.90 -2.63
N ASN A 134 30.27 1.78 -3.29
CA ASN A 134 31.63 1.32 -3.51
C ASN A 134 32.18 1.79 -4.85
N ARG A 135 31.43 2.60 -5.60
CA ARG A 135 31.96 3.27 -6.78
C ARG A 135 31.32 4.65 -6.89
N ALA A 136 31.98 5.49 -7.66
CA ALA A 136 31.58 6.88 -7.77
C ALA A 136 30.23 7.03 -8.47
N ILE A 137 29.36 7.85 -7.89
CA ILE A 137 28.08 8.24 -8.49
C ILE A 137 28.26 9.67 -8.94
N ASN A 138 28.75 9.85 -10.17
CA ASN A 138 28.92 11.17 -10.77
C ASN A 138 27.66 11.67 -11.45
N GLY A 139 26.75 10.77 -11.84
CA GLY A 139 25.43 11.14 -12.33
C GLY A 139 24.52 9.94 -12.24
N ILE A 140 23.23 10.15 -12.57
CA ILE A 140 22.22 9.12 -12.40
C ILE A 140 22.58 7.88 -13.18
N ALA A 141 23.38 8.03 -14.23
CA ALA A 141 23.74 6.86 -15.03
C ALA A 141 24.54 5.86 -14.23
N ASP A 142 25.27 6.33 -13.23
CA ASP A 142 26.09 5.42 -12.45
C ASP A 142 25.29 4.58 -11.49
N MET A 143 24.00 4.90 -11.30
CA MET A 143 23.12 4.14 -10.44
C MET A 143 22.68 2.83 -11.06
N LYS A 144 22.89 2.67 -12.36
CA LYS A 144 22.36 1.51 -13.10
C LYS A 144 23.06 0.24 -12.64
N GLY A 145 22.28 -0.68 -12.14
CA GLY A 145 22.93 -1.90 -11.76
C GLY A 145 23.55 -1.86 -10.39
N LEU A 146 23.51 -0.71 -9.70
CA LEU A 146 24.07 -0.61 -8.37
C LEU A 146 23.20 -1.41 -7.43
N LYS A 147 23.82 -2.32 -6.68
CA LYS A 147 23.06 -3.13 -5.73
C LYS A 147 22.87 -2.30 -4.47
N LEU A 148 21.72 -1.64 -4.41
CA LEU A 148 21.47 -0.62 -3.39
C LEU A 148 20.55 -1.16 -2.30
N ARG A 149 21.10 -1.31 -1.11
CA ARG A 149 20.30 -1.63 0.06
C ARG A 149 19.32 -0.52 0.35
N VAL A 150 18.12 -0.91 0.73
CA VAL A 150 17.11 0.02 1.22
C VAL A 150 16.46 -0.59 2.43
N PRO A 151 15.86 0.22 3.27
CA PRO A 151 15.04 -0.35 4.33
C PRO A 151 13.79 -1.03 3.77
N ASN A 152 13.05 -1.64 4.67
CA ASN A 152 11.81 -2.37 4.29
C ASN A 152 10.63 -1.42 4.19
N ALA A 153 10.65 -0.59 3.14
CA ALA A 153 9.80 0.59 3.02
C ALA A 153 9.63 0.93 1.55
N ALA A 154 8.38 1.12 1.12
CA ALA A 154 8.05 1.14 -0.30
C ALA A 154 8.63 2.35 -1.00
N THR A 155 8.68 3.47 -0.31
CA THR A 155 9.23 4.67 -0.92
C THR A 155 10.74 4.54 -1.15
N ASN A 156 11.49 3.93 -0.23
CA ASN A 156 12.91 3.70 -0.45
C ASN A 156 13.13 2.70 -1.58
N LEU A 157 12.28 1.68 -1.67
CA LEU A 157 12.39 0.73 -2.75
C LEU A 157 12.23 1.46 -4.08
N ALA A 158 11.31 2.44 -4.09
CA ALA A 158 10.92 3.14 -5.31
C ALA A 158 11.97 4.15 -5.73
N TYR A 159 12.61 4.80 -4.78
CA TYR A 159 13.79 5.59 -5.12
C TYR A 159 14.76 4.73 -5.92
N ALA A 160 15.16 3.61 -5.33
CA ALA A 160 16.11 2.72 -5.98
C ALA A 160 15.62 2.29 -7.36
N LYS A 161 14.36 1.91 -7.47
CA LYS A 161 13.86 1.39 -8.74
C LYS A 161 13.91 2.45 -9.82
N TYR A 162 13.36 3.61 -9.50
CA TYR A 162 13.21 4.63 -10.51
C TYR A 162 14.49 5.36 -10.88
N VAL A 163 15.57 5.27 -10.08
CA VAL A 163 16.85 5.78 -10.55
C VAL A 163 17.66 4.73 -11.30
N GLY A 164 17.16 3.52 -11.39
CA GLY A 164 17.81 2.53 -12.21
C GLY A 164 18.58 1.50 -11.43
N ALA A 165 18.53 1.55 -10.10
CA ALA A 165 19.35 0.71 -9.26
C ALA A 165 18.67 -0.64 -9.03
N SER A 166 19.40 -1.56 -8.42
CA SER A 166 18.79 -2.83 -8.08
CA SER A 166 18.80 -2.83 -8.07
C SER A 166 18.54 -2.88 -6.57
N PRO A 167 17.32 -2.66 -6.12
CA PRO A 167 17.12 -2.60 -4.66
C PRO A 167 17.26 -3.96 -3.96
N THR A 168 17.79 -3.90 -2.75
CA THR A 168 17.82 -5.06 -1.86
C THR A 168 17.30 -4.63 -0.50
N PRO A 169 16.06 -4.91 -0.16
CA PRO A 169 15.60 -4.54 1.19
C PRO A 169 16.21 -5.41 2.28
N MET A 170 16.53 -4.77 3.40
CA MET A 170 17.02 -5.52 4.54
C MET A 170 16.96 -4.61 5.75
N ALA A 171 16.84 -5.24 6.91
CA ALA A 171 16.82 -4.49 8.16
C ALA A 171 18.11 -3.71 8.40
N PHE A 172 17.94 -2.56 9.07
CA PHE A 172 19.04 -1.69 9.47
C PHE A 172 20.19 -2.47 10.12
N SER A 173 19.87 -3.41 11.03
CA SER A 173 20.92 -4.08 11.78
C SER A 173 21.86 -4.87 10.89
N GLU A 174 21.42 -5.24 9.70
N GLU A 174 21.40 -5.25 9.70
CA GLU A 174 22.22 -6.14 8.88
CA GLU A 174 22.16 -6.14 8.83
C GLU A 174 23.09 -5.42 7.87
C GLU A 174 23.09 -5.42 7.88
N VAL A 175 22.98 -4.10 7.77
CA VAL A 175 23.62 -3.38 6.68
C VAL A 175 25.14 -3.38 6.80
N TYR A 176 25.68 -3.10 7.98
CA TYR A 176 27.14 -2.98 8.05
C TYR A 176 27.81 -4.22 7.46
N LEU A 177 27.36 -5.40 7.85
CA LEU A 177 28.00 -6.63 7.40
C LEU A 177 27.73 -6.89 5.93
N ALA A 178 26.60 -6.42 5.41
CA ALA A 178 26.32 -6.58 4.00
C ALA A 178 27.23 -5.71 3.16
N LEU A 179 27.54 -4.53 3.62
CA LEU A 179 28.49 -3.71 2.91
C LEU A 179 29.90 -4.28 3.07
N GLN A 180 30.24 -4.73 4.26
CA GLN A 180 31.59 -5.28 4.48
C GLN A 180 31.86 -6.44 3.55
N THR A 181 30.86 -7.29 3.37
CA THR A 181 31.01 -8.46 2.51
C THR A 181 30.67 -8.17 1.05
N ASN A 182 30.36 -6.93 0.69
CA ASN A 182 29.95 -6.52 -0.67
C ASN A 182 28.84 -7.41 -1.23
N SER A 183 28.00 -7.99 -0.37
CA SER A 183 26.77 -8.53 -0.94
C SER A 183 25.83 -7.43 -1.42
N VAL A 184 25.96 -6.20 -0.93
CA VAL A 184 25.39 -5.04 -1.59
C VAL A 184 26.50 -4.05 -1.89
N ASP A 185 26.20 -3.15 -2.81
CA ASP A 185 27.15 -2.16 -3.28
C ASP A 185 27.05 -0.81 -2.58
N GLY A 186 25.87 -0.40 -2.10
CA GLY A 186 25.63 0.90 -1.49
C GLY A 186 24.47 0.84 -0.55
N GLN A 187 24.20 2.00 0.07
CA GLN A 187 23.01 2.20 0.89
C GLN A 187 22.67 3.69 0.89
N GLU A 188 21.60 4.05 1.57
CA GLU A 188 21.12 5.43 1.59
C GLU A 188 20.54 5.79 2.94
N ASN A 189 21.07 6.86 3.52
CA ASN A 189 20.75 7.27 4.88
C ASN A 189 21.26 8.69 5.11
N PRO A 190 20.73 9.38 6.10
CA PRO A 190 21.27 10.70 6.40
C PRO A 190 22.74 10.57 6.75
N LEU A 191 23.45 11.68 6.62
CA LEU A 191 24.89 11.74 6.87
C LEU A 191 25.25 11.35 8.31
N ALA A 192 24.48 11.85 9.28
CA ALA A 192 24.69 11.52 10.68
C ALA A 192 24.62 10.02 10.93
N THR A 193 23.77 9.30 10.19
CA THR A 193 23.65 7.85 10.33
C THR A 193 24.83 7.15 9.67
N VAL A 194 25.30 7.65 8.53
CA VAL A 194 26.52 7.11 7.96
C VAL A 194 27.67 7.18 8.98
N GLN A 195 27.70 8.26 9.75
CA GLN A 195 28.71 8.41 10.78
C GLN A 195 28.46 7.45 11.94
N ALA A 196 27.24 7.49 12.50
CA ALA A 196 26.92 6.69 13.68
C ALA A 196 27.15 5.20 13.42
N GLN A 197 26.75 4.73 12.26
CA GLN A 197 26.93 3.33 11.87
C GLN A 197 28.28 3.03 11.25
N LYS A 198 29.13 4.05 11.07
CA LYS A 198 30.48 3.87 10.53
C LYS A 198 30.44 3.19 9.16
N PHE A 199 29.40 3.48 8.40
CA PHE A 199 29.37 3.02 7.03
C PHE A 199 30.51 3.61 6.19
N TYR A 200 31.10 4.73 6.61
CA TYR A 200 32.28 5.21 5.90
C TYR A 200 33.46 4.24 6.00
N GLU A 201 33.43 3.31 6.94
CA GLU A 201 34.52 2.33 6.99
C GLU A 201 34.39 1.32 5.87
N VAL A 202 33.22 1.22 5.26
CA VAL A 202 33.03 0.15 4.29
C VAL A 202 32.41 0.71 3.03
N GLN A 203 32.43 2.03 2.88
CA GLN A 203 31.97 2.69 1.67
C GLN A 203 32.97 3.78 1.27
N LYS A 204 33.51 3.69 0.06
CA LYS A 204 34.52 4.69 -0.31
C LYS A 204 33.96 5.94 -0.94
N TYR A 205 32.66 5.99 -1.24
CA TYR A 205 32.07 7.05 -2.02
C TYR A 205 30.75 7.45 -1.40
N LEU A 206 30.51 8.75 -1.43
CA LEU A 206 29.29 9.37 -0.94
C LEU A 206 28.78 10.33 -2.00
N ALA A 207 27.48 10.23 -2.30
CA ALA A 207 26.85 11.12 -3.26
C ALA A 207 25.74 11.88 -2.57
N ILE A 208 25.70 13.20 -2.80
CA ILE A 208 24.68 14.10 -2.26
C ILE A 208 23.48 14.03 -3.20
N THR A 209 22.55 13.18 -2.86
CA THR A 209 21.35 12.96 -3.65
C THR A 209 20.13 13.62 -3.07
N ASN A 210 20.17 13.99 -1.78
CA ASN A 210 19.10 14.75 -1.13
C ASN A 210 17.72 14.18 -1.46
N HIS A 211 17.61 12.87 -1.53
CA HIS A 211 16.40 12.34 -2.16
C HIS A 211 15.23 12.24 -1.21
N ILE A 212 15.43 11.86 0.05
CA ILE A 212 14.31 11.77 1.00
C ILE A 212 14.63 12.48 2.29
N LEU A 213 13.73 13.37 2.73
N LEU A 213 13.75 13.38 2.71
CA LEU A 213 13.87 14.06 4.00
CA LEU A 213 13.92 14.05 4.00
C LEU A 213 13.21 13.23 5.10
C LEU A 213 13.23 13.24 5.10
N ASN A 214 13.94 12.97 6.18
CA ASN A 214 13.38 12.22 7.32
C ASN A 214 13.02 13.13 8.48
N ASP A 215 11.80 12.97 9.02
CA ASP A 215 11.52 13.48 10.35
C ASP A 215 11.57 12.36 11.39
N GLN A 216 11.26 12.70 12.62
CA GLN A 216 11.27 11.70 13.68
C GLN A 216 10.23 12.13 14.67
N LEU A 217 9.33 11.24 14.97
CA LEU A 217 8.27 11.50 15.91
C LEU A 217 8.55 10.78 17.22
N TYR A 218 8.45 11.51 18.32
CA TYR A 218 8.50 10.96 19.67
C TYR A 218 7.12 10.46 20.00
N LEU A 219 6.97 9.15 20.09
CA LEU A 219 5.68 8.52 20.29
C LEU A 219 5.64 7.86 21.66
N VAL A 220 4.45 7.87 22.26
CA VAL A 220 4.22 7.17 23.52
C VAL A 220 2.97 6.31 23.36
N SER A 221 2.93 5.18 24.04
CA SER A 221 1.71 4.39 24.06
C SER A 221 0.57 5.23 24.62
N SER A 222 -0.58 5.28 23.93
CA SER A 222 -1.72 6.04 24.47
C SER A 222 -2.21 5.43 25.79
N GLU A 223 -2.10 4.11 25.92
CA GLU A 223 -2.46 3.48 27.20
C GLU A 223 -1.55 3.92 28.32
N THR A 224 -0.24 3.89 28.09
CA THR A 224 0.71 4.32 29.09
C THR A 224 0.46 5.77 29.47
N PHE A 225 0.26 6.62 28.47
CA PHE A 225 0.10 8.06 28.70
C PHE A 225 -1.18 8.35 29.46
N ALA A 226 -2.25 7.61 29.17
CA ALA A 226 -3.49 7.89 29.87
C ALA A 226 -3.44 7.42 31.32
N ASP A 227 -2.57 6.48 31.64
CA ASP A 227 -2.39 6.07 33.01
C ASP A 227 -1.56 7.04 33.84
N LEU A 228 -0.87 8.00 33.23
CA LEU A 228 -0.13 8.96 34.02
C LEU A 228 -1.09 10.06 34.47
N PRO A 229 -0.88 10.63 35.65
CA PRO A 229 -1.66 11.83 36.02
C PRO A 229 -1.36 13.05 35.15
N GLU A 230 -2.28 14.00 35.18
CA GLU A 230 -2.15 15.14 34.26
C GLU A 230 -0.82 15.85 34.41
N ASP A 231 -0.34 16.07 35.64
CA ASP A 231 0.91 16.79 35.79
C ASP A 231 2.10 16.01 35.26
N LEU A 232 2.08 14.68 35.30
CA LEU A 232 3.21 13.94 34.74
C LEU A 232 3.05 13.81 33.22
N GLN A 233 1.81 13.91 32.72
CA GLN A 233 1.59 13.97 31.27
C GLN A 233 2.22 15.22 30.71
N LYS A 234 2.13 16.33 31.44
CA LYS A 234 2.72 17.57 30.98
C LYS A 234 4.22 17.51 31.03
N VAL A 235 4.75 16.88 32.08
CA VAL A 235 6.18 16.67 32.19
C VAL A 235 6.68 15.93 30.96
N VAL A 236 5.99 14.85 30.62
CA VAL A 236 6.50 14.01 29.54
C VAL A 236 6.48 14.78 28.25
N LYS A 237 5.40 15.52 28.03
CA LYS A 237 5.25 16.27 26.81
C LYS A 237 6.27 17.39 26.70
N LYS A 238 6.45 18.16 27.77
CA LYS A 238 7.44 19.23 27.71
C LYS A 238 8.83 18.65 27.51
N ALA A 239 9.10 17.47 28.08
CA ALA A 239 10.43 16.88 27.91
C ALA A 239 10.60 16.41 26.49
N ALA A 240 9.50 15.99 25.88
CA ALA A 240 9.62 15.50 24.53
C ALA A 240 9.90 16.64 23.56
N GLN A 241 9.32 17.81 23.84
CA GLN A 241 9.51 18.97 22.98
C GLN A 241 10.90 19.54 23.13
N LYS A 242 11.42 19.57 24.36
CA LYS A 242 12.79 20.00 24.54
C LYS A 242 13.77 19.05 23.86
N ALA A 243 13.54 17.75 24.00
CA ALA A 243 14.43 16.76 23.41
C ALA A 243 14.41 16.88 21.89
N ALA A 244 13.23 17.14 21.35
CA ALA A 244 13.07 17.22 19.91
C ALA A 244 13.80 18.41 19.35
N GLU A 245 13.75 19.54 20.04
CA GLU A 245 14.56 20.68 19.62
C GLU A 245 16.04 20.35 19.60
N TYR A 246 16.53 19.68 20.65
CA TYR A 246 17.94 19.26 20.68
C TYR A 246 18.25 18.28 19.56
N HIS A 247 17.32 17.33 19.35
CA HIS A 247 17.41 16.36 18.28
C HIS A 247 17.56 17.03 16.92
N THR A 248 16.72 18.00 16.62
CA THR A 248 16.83 18.73 15.35
C THR A 248 18.16 19.46 15.23
N LYS A 249 18.54 20.15 16.27
CA LYS A 249 19.85 20.82 16.24
C LYS A 249 20.99 19.83 15.92
N LEU A 250 21.06 18.68 16.60
CA LEU A 250 22.13 17.74 16.29
C LEU A 250 22.24 17.49 14.79
N PHE A 251 21.11 17.34 14.13
CA PHE A 251 21.17 17.00 12.71
C PHE A 251 21.40 18.23 11.84
N VAL A 252 20.73 19.32 12.13
CA VAL A 252 21.03 20.54 11.38
C VAL A 252 22.50 20.87 11.48
N ASP A 253 23.03 20.90 12.69
CA ASP A 253 24.44 21.26 12.83
C ASP A 253 25.35 20.28 12.09
N GLY A 254 25.03 19.00 12.11
CA GLY A 254 25.88 18.02 11.46
C GLY A 254 25.91 18.17 9.96
N GLU A 255 24.79 18.55 9.36
CA GLU A 255 24.80 18.67 7.93
C GLU A 255 25.70 19.78 7.43
N LYS A 256 26.09 20.72 8.29
CA LYS A 256 27.07 21.75 7.95
C LYS A 256 28.50 21.26 7.98
N GLU A 257 28.76 20.12 8.64
CA GLU A 257 30.13 19.72 8.96
C GLU A 257 30.49 18.30 8.51
N LEU A 258 29.52 17.44 8.19
CA LEU A 258 29.84 16.03 8.05
C LEU A 258 30.50 15.66 6.73
N VAL A 259 30.20 16.36 5.65
CA VAL A 259 30.88 16.07 4.40
C VAL A 259 32.40 16.19 4.57
N THR A 260 32.85 17.24 5.23
CA THR A 260 34.30 17.35 5.41
C THR A 260 34.83 16.30 6.38
N PHE A 261 34.02 15.88 7.35
CA PHE A 261 34.43 14.74 8.20
C PHE A 261 34.68 13.51 7.34
N PHE A 262 33.81 13.24 6.39
CA PHE A 262 33.98 12.02 5.62
C PHE A 262 35.18 12.14 4.69
N GLU A 263 35.40 13.32 4.12
CA GLU A 263 36.58 13.50 3.29
C GLU A 263 37.85 13.28 4.08
N LYS A 264 37.89 13.73 5.34
CA LYS A 264 39.06 13.43 6.15
C LYS A 264 39.25 11.94 6.35
N GLN A 265 38.15 11.20 6.38
CA GLN A 265 38.23 9.75 6.50
C GLN A 265 38.59 9.09 5.19
N GLY A 266 38.80 9.85 4.13
CA GLY A 266 39.13 9.30 2.84
C GLY A 266 37.94 8.90 1.98
N VAL A 267 36.79 9.43 2.23
CA VAL A 267 35.65 9.17 1.36
C VAL A 267 35.69 10.19 0.23
N THR A 268 35.39 9.74 -0.98
CA THR A 268 35.24 10.65 -2.10
C THR A 268 33.80 11.06 -2.25
N VAL A 269 33.55 12.37 -2.20
CA VAL A 269 32.20 12.91 -2.23
C VAL A 269 31.92 13.48 -3.59
N THR A 270 30.73 13.20 -4.11
CA THR A 270 30.26 13.71 -5.38
C THR A 270 28.95 14.45 -5.20
N HIS A 271 28.72 15.42 -6.08
CA HIS A 271 27.52 16.24 -6.09
C HIS A 271 26.91 16.11 -7.48
N PRO A 272 26.25 15.01 -7.77
CA PRO A 272 25.73 14.85 -9.12
C PRO A 272 24.63 15.86 -9.41
N ASP A 273 24.43 16.12 -10.70
CA ASP A 273 23.29 16.90 -11.13
C ASP A 273 22.00 16.17 -10.73
N LEU A 274 21.15 16.85 -9.92
CA LEU A 274 19.94 16.24 -9.40
C LEU A 274 18.72 16.42 -10.29
N THR A 275 18.81 17.21 -11.36
CA THR A 275 17.64 17.35 -12.21
C THR A 275 17.27 16.03 -12.86
N PRO A 276 18.21 15.22 -13.32
CA PRO A 276 17.80 13.89 -13.81
C PRO A 276 17.21 13.03 -12.69
N PHE A 277 17.72 13.09 -11.45
CA PHE A 277 17.08 12.35 -10.37
C PHE A 277 15.63 12.79 -10.17
N LYS A 278 15.41 14.09 -10.10
CA LYS A 278 14.07 14.59 -9.89
C LYS A 278 13.17 14.19 -11.05
N ASP A 279 13.68 14.28 -12.28
CA ASP A 279 12.90 13.86 -13.45
C ASP A 279 12.57 12.37 -13.35
N ALA A 280 13.54 11.57 -12.88
CA ALA A 280 13.30 10.13 -12.84
C ALA A 280 12.18 9.78 -11.89
N MET A 281 11.83 10.68 -10.98
CA MET A 281 10.76 10.34 -10.05
C MET A 281 9.37 10.72 -10.62
N LYS A 282 9.29 11.38 -11.76
CA LYS A 282 7.96 11.85 -12.19
C LYS A 282 7.08 10.66 -12.51
N PRO A 283 7.52 9.65 -13.23
CA PRO A 283 6.67 8.47 -13.33
C PRO A 283 6.20 7.92 -12.01
N TYR A 284 7.04 7.98 -10.97
CA TYR A 284 6.63 7.43 -9.68
C TYR A 284 5.52 8.25 -9.06
N TYR A 285 5.59 9.56 -9.16
CA TYR A 285 4.48 10.36 -8.69
C TYR A 285 3.18 9.98 -9.41
N ALA A 286 3.31 9.70 -10.70
CA ALA A 286 2.14 9.35 -11.48
C ALA A 286 1.52 8.06 -10.97
N GLU A 287 2.36 7.07 -10.64
CA GLU A 287 1.93 5.78 -10.13
C GLU A 287 1.40 5.88 -8.69
N PHE A 288 2.03 6.66 -7.84
CA PHE A 288 1.41 6.94 -6.56
C PHE A 288 -0.05 7.37 -6.71
N VAL A 289 -0.32 8.34 -7.59
CA VAL A 289 -1.68 8.88 -7.74
C VAL A 289 -2.60 7.82 -8.31
N LYS A 290 -2.10 7.02 -9.22
CA LYS A 290 -2.95 5.94 -9.71
C LYS A 290 -3.33 4.97 -8.62
N GLN A 291 -2.38 4.63 -7.77
CA GLN A 291 -2.64 3.65 -6.73
C GLN A 291 -3.50 4.21 -5.63
N THR A 292 -3.26 5.46 -5.23
CA THR A 292 -3.95 5.99 -4.07
C THR A 292 -5.14 6.83 -4.44
N GLY A 293 -5.30 7.12 -5.72
CA GLY A 293 -6.55 7.67 -6.19
C GLY A 293 -6.84 9.05 -5.67
N ALA A 294 -8.11 9.28 -5.39
CA ALA A 294 -8.52 10.59 -4.98
C ALA A 294 -7.79 11.00 -3.72
N LYS A 295 -7.53 10.07 -2.84
CA LYS A 295 -6.90 10.46 -1.58
C LYS A 295 -5.47 10.94 -1.81
N GLY A 296 -4.74 10.27 -2.67
CA GLY A 296 -3.37 10.68 -2.89
C GLY A 296 -3.30 12.01 -3.60
N GLU A 297 -4.21 12.25 -4.54
CA GLU A 297 -4.26 13.54 -5.22
C GLU A 297 -4.53 14.67 -4.24
N GLU A 298 -5.40 14.45 -3.26
CA GLU A 298 -5.69 15.49 -2.27
C GLU A 298 -4.50 15.74 -1.34
N VAL A 299 -3.78 14.70 -0.91
CA VAL A 299 -2.67 15.01 -0.04
C VAL A 299 -1.59 15.77 -0.82
N LEU A 300 -1.39 15.42 -2.08
CA LEU A 300 -0.40 16.14 -2.86
C LEU A 300 -0.82 17.60 -3.01
N LYS A 301 -2.12 17.82 -3.13
CA LYS A 301 -2.59 19.18 -3.21
C LYS A 301 -2.36 19.92 -1.90
N GLN A 302 -2.71 19.32 -0.76
CA GLN A 302 -2.52 20.01 0.50
C GLN A 302 -1.04 20.33 0.73
N ILE A 303 -0.13 19.45 0.32
CA ILE A 303 1.29 19.69 0.55
C ILE A 303 1.84 20.75 -0.41
N GLN A 304 1.36 20.77 -1.64
CA GLN A 304 1.79 21.83 -2.53
C GLN A 304 1.33 23.21 -2.08
N ALA A 305 0.26 23.28 -1.29
CA ALA A 305 -0.28 24.56 -0.85
C ALA A 305 0.55 25.16 0.28
N ILE A 306 1.62 24.48 0.68
CA ILE A 306 2.54 24.95 1.71
C ILE A 306 3.70 25.66 1.03
N ASN A 307 3.87 26.93 1.35
CA ASN A 307 4.92 27.73 0.77
C ASN A 307 6.34 27.28 1.11
N MET B 1 -40.88 9.94 -21.75
CA MET B 1 -40.33 11.29 -21.40
C MET B 1 -38.85 11.38 -21.81
N ASP B 2 -38.39 12.57 -22.20
CA ASP B 2 -36.98 12.74 -22.55
C ASP B 2 -36.11 12.77 -21.29
N ALA B 3 -34.83 12.60 -21.50
CA ALA B 3 -33.91 12.37 -20.41
C ALA B 3 -33.55 13.65 -19.68
N GLU B 4 -33.73 13.65 -18.37
CA GLU B 4 -33.26 14.74 -17.52
C GLU B 4 -31.85 14.49 -16.96
N TYR B 5 -31.38 13.24 -17.01
CA TYR B 5 -30.08 12.84 -16.50
C TYR B 5 -29.45 11.94 -17.53
N ASP B 6 -28.35 12.38 -18.08
CA ASP B 6 -27.56 11.64 -19.05
C ASP B 6 -26.31 11.18 -18.30
N LEU B 7 -26.31 9.94 -17.84
CA LEU B 7 -25.28 9.39 -16.96
C LEU B 7 -24.41 8.44 -17.76
N LYS B 8 -23.21 8.18 -17.25
CA LYS B 8 -22.21 7.38 -17.93
C LYS B 8 -21.70 6.27 -17.02
N PHE B 9 -21.44 5.09 -17.63
CA PHE B 9 -21.05 3.87 -16.91
C PHE B 9 -19.79 3.32 -17.58
N GLY B 10 -18.65 3.37 -16.88
CA GLY B 10 -17.37 2.91 -17.43
C GLY B 10 -16.93 1.55 -16.91
N MET B 11 -16.26 0.78 -17.78
CA MET B 11 -15.85 -0.57 -17.37
C MET B 11 -14.63 -1.05 -18.15
N ASN B 12 -13.85 -1.91 -17.50
CA ASN B 12 -12.74 -2.52 -18.22
C ASN B 12 -13.18 -3.58 -19.19
N ALA B 13 -14.23 -4.32 -18.88
CA ALA B 13 -14.70 -5.41 -19.72
C ALA B 13 -15.18 -4.96 -21.09
N GLY B 14 -15.16 -5.90 -22.03
CA GLY B 14 -15.41 -5.62 -23.42
C GLY B 14 -16.84 -5.90 -23.76
N THR B 15 -17.19 -5.58 -25.00
CA THR B 15 -18.58 -5.71 -25.40
C THR B 15 -19.04 -7.13 -25.55
N SER B 16 -18.18 -8.14 -25.43
CA SER B 16 -18.66 -9.53 -25.42
C SER B 16 -18.79 -10.13 -24.04
N SER B 17 -18.65 -9.34 -22.98
CA SER B 17 -18.58 -9.88 -21.64
C SER B 17 -19.93 -9.95 -20.95
N ASN B 18 -19.96 -10.82 -19.94
CA ASN B 18 -21.07 -10.80 -19.00
C ASN B 18 -21.24 -9.45 -18.37
N GLU B 19 -20.15 -8.81 -17.93
CA GLU B 19 -20.28 -7.50 -17.30
C GLU B 19 -20.98 -6.50 -18.23
N TYR B 20 -20.61 -6.46 -19.50
CA TYR B 20 -21.29 -5.53 -20.38
C TYR B 20 -22.77 -5.88 -20.52
N LYS B 21 -23.08 -7.15 -20.79
CA LYS B 21 -24.48 -7.55 -20.89
C LYS B 21 -25.29 -7.12 -19.67
N ALA B 22 -24.69 -7.16 -18.48
CA ALA B 22 -25.47 -6.81 -17.30
C ALA B 22 -25.53 -5.31 -17.12
N ALA B 23 -24.49 -4.60 -17.54
CA ALA B 23 -24.58 -3.15 -17.51
C ALA B 23 -25.63 -2.66 -18.51
N GLU B 24 -25.77 -3.35 -19.65
CA GLU B 24 -26.81 -3.04 -20.62
C GLU B 24 -28.21 -3.28 -20.05
N MET B 25 -28.37 -4.39 -19.35
CA MET B 25 -29.63 -4.64 -18.66
C MET B 25 -29.90 -3.56 -17.62
N PHE B 26 -28.91 -3.21 -16.82
CA PHE B 26 -29.06 -2.09 -15.89
C PHE B 26 -29.53 -0.80 -16.58
N ALA B 27 -28.92 -0.42 -17.70
CA ALA B 27 -29.31 0.82 -18.35
C ALA B 27 -30.72 0.74 -18.90
N LYS B 28 -31.09 -0.41 -19.42
CA LYS B 28 -32.44 -0.63 -19.91
C LYS B 28 -33.46 -0.53 -18.79
N GLU B 29 -33.23 -1.25 -17.69
CA GLU B 29 -34.06 -1.14 -16.50
C GLU B 29 -34.16 0.28 -15.96
N VAL B 30 -33.04 1.01 -15.86
CA VAL B 30 -33.16 2.37 -15.34
C VAL B 30 -34.03 3.24 -16.24
N LYS B 31 -33.79 3.18 -17.53
CA LYS B 31 -34.57 3.99 -18.46
C LYS B 31 -36.05 3.66 -18.39
N GLU B 32 -36.38 2.37 -18.33
CA GLU B 32 -37.77 1.95 -18.24
C GLU B 32 -38.40 2.33 -16.91
N LYS B 33 -37.75 2.01 -15.79
CA LYS B 33 -38.40 2.33 -14.54
C LYS B 33 -38.38 3.83 -14.22
N SER B 34 -37.46 4.61 -14.83
CA SER B 34 -37.50 6.06 -14.64
C SER B 34 -38.52 6.71 -15.57
N ASN B 35 -39.18 5.93 -16.42
CA ASN B 35 -40.06 6.48 -17.43
C ASN B 35 -39.29 7.45 -18.31
N GLY B 36 -38.04 7.14 -18.54
CA GLY B 36 -37.21 7.82 -19.52
C GLY B 36 -36.41 8.97 -18.95
N LYS B 37 -36.57 9.29 -17.69
CA LYS B 37 -35.92 10.48 -17.19
C LYS B 37 -34.41 10.28 -17.02
N ILE B 38 -33.96 9.03 -16.91
CA ILE B 38 -32.53 8.72 -16.81
C ILE B 38 -32.14 7.85 -17.97
N GLU B 39 -31.11 8.28 -18.71
CA GLU B 39 -30.42 7.42 -19.65
C GLU B 39 -28.99 7.16 -19.18
N ILE B 40 -28.50 5.93 -19.44
CA ILE B 40 -27.16 5.52 -19.02
C ILE B 40 -26.44 5.05 -20.25
N SER B 41 -25.35 5.73 -20.59
CA SER B 41 -24.45 5.35 -21.67
C SER B 41 -23.28 4.54 -21.15
N LEU B 42 -22.83 3.56 -21.95
CA LEU B 42 -21.77 2.64 -21.54
C LEU B 42 -20.44 2.95 -22.21
N TYR B 43 -19.34 2.84 -21.45
CA TYR B 43 -17.99 3.12 -21.95
C TYR B 43 -17.10 1.94 -21.63
N PRO B 44 -17.13 0.93 -22.43
CA PRO B 44 -16.39 -0.27 -22.08
C PRO B 44 -14.94 -0.24 -22.53
N SER B 45 -14.25 -1.36 -22.32
CA SER B 45 -12.94 -1.61 -22.91
C SER B 45 -11.92 -0.61 -22.45
N SER B 46 -12.06 -0.17 -21.21
CA SER B 46 -11.09 0.73 -20.59
C SER B 46 -10.94 2.02 -21.38
N GLN B 47 -11.97 2.40 -22.11
CA GLN B 47 -11.89 3.63 -22.87
C GLN B 47 -11.51 4.80 -21.98
N LEU B 48 -11.99 4.80 -20.75
CA LEU B 48 -11.80 5.94 -19.88
C LEU B 48 -10.65 5.73 -18.91
N GLY B 49 -9.89 4.65 -19.08
CA GLY B 49 -8.89 4.27 -18.11
C GLY B 49 -9.27 2.94 -17.47
N ASP B 50 -8.47 2.51 -16.49
CA ASP B 50 -8.70 1.23 -15.84
C ASP B 50 -9.55 1.41 -14.59
N ASP B 51 -9.78 0.36 -13.81
CA ASP B 51 -10.70 0.55 -12.70
C ASP B 51 -10.23 1.56 -11.66
N ARG B 52 -8.91 1.70 -11.47
CA ARG B 52 -8.42 2.69 -10.50
C ARG B 52 -8.72 4.10 -10.99
N ALA B 53 -8.53 4.35 -12.27
CA ALA B 53 -8.88 5.68 -12.76
C ALA B 53 -10.38 5.92 -12.71
N MET B 54 -11.18 4.90 -13.00
CA MET B 54 -12.61 5.14 -13.06
C MET B 54 -13.17 5.38 -11.65
N LEU B 55 -12.60 4.71 -10.64
CA LEU B 55 -13.03 4.99 -9.27
C LEU B 55 -12.73 6.43 -8.88
N LYS B 56 -11.57 6.97 -9.29
CA LYS B 56 -11.26 8.38 -9.05
C LYS B 56 -12.22 9.31 -9.79
N GLN B 57 -12.51 9.04 -11.07
CA GLN B 57 -13.52 9.82 -11.80
C GLN B 57 -14.90 9.85 -11.15
N LEU B 58 -15.34 8.77 -10.48
CA LEU B 58 -16.61 8.86 -9.76
C LEU B 58 -16.54 9.92 -8.67
N LYS B 59 -15.42 9.97 -7.95
CA LYS B 59 -15.26 10.96 -6.92
C LYS B 59 -15.29 12.35 -7.50
N ASP B 60 -14.51 12.57 -8.57
CA ASP B 60 -14.41 13.87 -9.19
C ASP B 60 -15.67 14.29 -9.93
N GLY B 61 -16.66 13.41 -10.07
CA GLY B 61 -17.90 13.73 -10.78
C GLY B 61 -17.89 13.48 -12.27
N ALA B 62 -16.75 13.13 -12.84
CA ALA B 62 -16.60 12.97 -14.28
C ALA B 62 -17.20 11.68 -14.81
N LEU B 63 -17.63 10.77 -13.93
CA LEU B 63 -18.14 9.47 -14.33
C LEU B 63 -19.13 9.09 -13.24
N ASP B 64 -20.26 8.52 -13.66
CA ASP B 64 -21.35 8.26 -12.74
C ASP B 64 -21.38 6.84 -12.22
N PHE B 65 -21.08 5.83 -13.03
CA PHE B 65 -21.14 4.45 -12.57
C PHE B 65 -19.85 3.74 -12.93
N THR B 66 -19.48 2.74 -12.14
CA THR B 66 -18.43 1.83 -12.57
C THR B 66 -18.47 0.58 -11.73
N PHE B 67 -17.72 -0.42 -12.16
CA PHE B 67 -17.54 -1.65 -11.42
C PHE B 67 -16.25 -1.65 -10.58
N ALA B 68 -16.26 -2.39 -9.46
CA ALA B 68 -15.05 -2.69 -8.69
C ALA B 68 -15.27 -3.99 -7.92
N GLU B 69 -14.17 -4.69 -7.64
CA GLU B 69 -14.23 -5.79 -6.69
C GLU B 69 -14.12 -5.28 -5.25
N SER B 70 -14.64 -6.06 -4.29
CA SER B 70 -14.39 -5.69 -2.90
C SER B 70 -12.88 -5.61 -2.61
N ALA B 71 -12.11 -6.50 -3.22
CA ALA B 71 -10.69 -6.55 -2.88
C ALA B 71 -9.91 -5.36 -3.43
N ARG B 72 -10.43 -4.69 -4.45
CA ARG B 72 -9.72 -3.56 -5.02
C ARG B 72 -9.52 -2.44 -4.01
N PHE B 73 -10.28 -2.43 -2.93
CA PHE B 73 -10.15 -1.36 -1.94
C PHE B 73 -8.97 -1.57 -1.02
N GLN B 74 -8.24 -2.66 -1.24
CA GLN B 74 -6.94 -2.81 -0.60
C GLN B 74 -6.01 -1.68 -0.98
N LEU B 75 -6.28 -1.01 -2.08
CA LEU B 75 -5.41 0.08 -2.48
C LEU B 75 -5.46 1.21 -1.49
N PHE B 76 -6.60 1.36 -0.85
CA PHE B 76 -6.82 2.43 0.09
C PHE B 76 -6.82 1.97 1.53
N TYR B 77 -7.17 0.70 1.78
CA TYR B 77 -7.45 0.14 3.13
C TYR B 77 -6.79 -1.23 3.04
N PRO B 78 -5.52 -1.33 3.45
CA PRO B 78 -4.78 -2.55 3.16
C PRO B 78 -5.44 -3.82 3.67
N GLU B 79 -6.17 -3.75 4.76
CA GLU B 79 -6.80 -4.95 5.30
C GLU B 79 -7.88 -5.55 4.40
N ALA B 80 -8.39 -4.78 3.44
CA ALA B 80 -9.35 -5.29 2.48
C ALA B 80 -8.73 -6.25 1.48
N ALA B 81 -7.42 -6.49 1.55
CA ALA B 81 -6.82 -7.58 0.78
C ALA B 81 -7.44 -8.92 1.14
N VAL B 82 -8.08 -9.01 2.31
CA VAL B 82 -8.59 -10.29 2.78
C VAL B 82 -9.59 -10.88 1.81
N PHE B 83 -10.35 -10.04 1.12
CA PHE B 83 -11.31 -10.55 0.16
C PHE B 83 -10.62 -11.39 -0.91
N ALA B 84 -9.36 -11.10 -1.24
CA ALA B 84 -8.71 -11.79 -2.35
C ALA B 84 -7.43 -12.53 -1.94
N LEU B 85 -7.18 -12.73 -0.66
CA LEU B 85 -6.16 -13.70 -0.25
C LEU B 85 -6.52 -15.08 -0.80
N PRO B 86 -5.65 -15.74 -1.54
CA PRO B 86 -6.11 -16.95 -2.22
C PRO B 86 -6.62 -18.01 -1.27
N TYR B 87 -7.77 -18.58 -1.63
CA TYR B 87 -8.39 -19.68 -0.93
C TYR B 87 -9.02 -19.31 0.39
N VAL B 88 -9.20 -18.02 0.69
CA VAL B 88 -9.85 -17.67 1.94
C VAL B 88 -11.35 -17.65 1.76
N ILE B 89 -11.82 -16.92 0.76
CA ILE B 89 -13.23 -16.89 0.41
C ILE B 89 -13.50 -18.04 -0.53
N THR B 90 -14.27 -19.03 -0.07
CA THR B 90 -14.39 -20.24 -0.86
C THR B 90 -15.68 -20.32 -1.67
N ASN B 91 -16.62 -19.42 -1.44
CA ASN B 91 -17.82 -19.39 -2.26
C ASN B 91 -18.39 -17.99 -2.21
N TYR B 92 -19.38 -17.77 -3.07
CA TYR B 92 -19.93 -16.44 -3.27
C TYR B 92 -20.75 -16.00 -2.08
N GLU B 93 -21.41 -16.91 -1.37
CA GLU B 93 -22.13 -16.51 -0.18
C GLU B 93 -21.20 -15.98 0.90
N VAL B 94 -20.04 -16.56 1.05
CA VAL B 94 -19.09 -15.96 1.97
C VAL B 94 -18.71 -14.54 1.50
N ALA B 95 -18.40 -14.38 0.23
CA ALA B 95 -18.09 -13.04 -0.24
C ALA B 95 -19.22 -12.08 0.09
N GLN B 96 -20.46 -12.50 -0.07
CA GLN B 96 -21.57 -11.60 0.24
C GLN B 96 -21.63 -11.28 1.71
N LYS B 97 -21.59 -12.30 2.56
CA LYS B 97 -21.61 -12.02 3.98
C LYS B 97 -20.36 -11.25 4.45
N ALA B 98 -19.19 -11.53 3.88
CA ALA B 98 -17.98 -10.78 4.28
C ALA B 98 -18.13 -9.28 4.08
N LEU B 99 -18.79 -8.87 3.00
CA LEU B 99 -18.90 -7.45 2.76
C LEU B 99 -20.01 -6.86 3.60
N HIS B 100 -21.10 -7.57 3.74
CA HIS B 100 -22.31 -6.95 4.26
C HIS B 100 -22.63 -7.29 5.69
N ASP B 101 -22.16 -8.42 6.20
CA ASP B 101 -22.58 -8.87 7.50
C ASP B 101 -21.48 -8.87 8.54
N THR B 102 -20.31 -8.36 8.22
CA THR B 102 -19.25 -8.21 9.21
C THR B 102 -19.12 -6.74 9.59
N ALA B 103 -18.61 -6.51 10.80
CA ALA B 103 -18.31 -5.15 11.20
C ALA B 103 -17.34 -4.48 10.24
N PHE B 104 -16.35 -5.22 9.80
CA PHE B 104 -15.34 -4.70 8.88
C PHE B 104 -15.95 -4.29 7.54
N GLY B 105 -16.76 -5.17 6.97
CA GLY B 105 -17.42 -4.84 5.73
C GLY B 105 -18.29 -3.60 5.85
N LYS B 106 -19.04 -3.51 6.92
CA LYS B 106 -19.98 -2.40 6.98
C LYS B 106 -19.22 -1.10 7.08
N ASP B 107 -18.10 -1.11 7.83
CA ASP B 107 -17.26 0.06 7.94
C ASP B 107 -16.61 0.40 6.61
N LEU B 108 -16.25 -0.61 5.83
CA LEU B 108 -15.70 -0.35 4.51
C LEU B 108 -16.70 0.35 3.60
N ILE B 109 -17.97 -0.05 3.63
CA ILE B 109 -18.99 0.60 2.81
C ILE B 109 -19.12 2.07 3.20
N GLN B 110 -19.12 2.36 4.50
CA GLN B 110 -19.20 3.74 4.92
C GLN B 110 -18.00 4.54 4.45
N LYS B 111 -16.79 3.99 4.55
CA LYS B 111 -15.63 4.76 4.13
C LYS B 111 -15.59 4.97 2.62
N MET B 112 -16.08 4.01 1.83
CA MET B 112 -16.19 4.18 0.39
C MET B 112 -16.99 5.42 0.06
N ASN B 113 -17.99 5.70 0.89
CA ASN B 113 -18.81 6.87 0.69
C ASN B 113 -18.12 8.11 1.22
N LYS B 114 -17.90 8.14 2.52
CA LYS B 114 -17.37 9.36 3.13
C LYS B 114 -15.97 9.71 2.62
N GLU B 115 -15.14 8.73 2.28
CA GLU B 115 -13.78 9.07 1.92
C GLU B 115 -13.56 8.99 0.41
N LEU B 116 -14.28 8.14 -0.30
CA LEU B 116 -13.95 7.91 -1.69
C LEU B 116 -15.03 8.41 -2.63
N GLY B 117 -16.13 8.97 -2.10
CA GLY B 117 -17.20 9.42 -2.97
C GLY B 117 -17.98 8.34 -3.68
N LEU B 118 -18.07 7.13 -3.13
CA LEU B 118 -18.66 6.00 -3.83
C LEU B 118 -19.83 5.51 -2.99
N THR B 119 -20.97 5.28 -3.66
CA THR B 119 -22.13 4.68 -3.06
C THR B 119 -22.30 3.28 -3.64
N LEU B 120 -22.38 2.30 -2.77
CA LEU B 120 -22.58 0.93 -3.21
C LEU B 120 -24.06 0.71 -3.51
N LEU B 121 -24.35 0.21 -4.71
CA LEU B 121 -25.71 -0.12 -5.12
C LEU B 121 -26.01 -1.60 -4.99
N SER B 122 -25.14 -2.46 -5.51
CA SER B 122 -25.41 -3.89 -5.43
C SER B 122 -24.10 -4.63 -5.61
N GLN B 123 -24.15 -5.94 -5.35
CA GLN B 123 -23.03 -6.86 -5.46
C GLN B 123 -23.44 -8.10 -6.22
N ALA B 124 -22.64 -8.48 -7.23
CA ALA B 124 -22.80 -9.72 -7.99
C ALA B 124 -21.54 -10.59 -7.94
N TYR B 125 -21.70 -11.82 -8.47
CA TYR B 125 -20.62 -12.78 -8.62
C TYR B 125 -19.96 -12.56 -9.96
N ASN B 126 -18.62 -12.53 -9.99
CA ASN B 126 -17.91 -12.32 -11.25
C ASN B 126 -16.97 -13.49 -11.54
N GLY B 127 -17.31 -14.65 -11.01
CA GLY B 127 -16.57 -15.84 -11.38
C GLY B 127 -15.39 -16.11 -10.46
N THR B 128 -14.85 -17.33 -10.55
CA THR B 128 -13.66 -17.71 -9.81
C THR B 128 -12.51 -17.78 -10.77
N ARG B 129 -11.36 -17.24 -10.39
CA ARG B 129 -10.24 -17.20 -11.30
C ARG B 129 -9.62 -18.59 -11.47
N GLN B 130 -9.20 -18.88 -12.70
CA GLN B 130 -8.54 -20.14 -13.06
C GLN B 130 -7.33 -19.74 -13.86
N THR B 131 -6.44 -20.69 -14.15
CA THR B 131 -5.14 -20.38 -14.74
C THR B 131 -5.03 -20.99 -16.12
N THR B 132 -4.84 -20.17 -17.14
CA THR B 132 -4.42 -20.70 -18.43
C THR B 132 -2.91 -20.61 -18.63
N SER B 133 -2.40 -21.47 -19.54
CA SER B 133 -0.97 -21.46 -19.81
C SER B 133 -0.67 -22.10 -21.17
N ASN B 134 0.59 -21.93 -21.63
CA ASN B 134 1.08 -22.57 -22.85
C ASN B 134 1.73 -23.92 -22.57
N ARG B 135 1.62 -24.43 -21.35
CA ARG B 135 2.02 -25.78 -21.03
C ARG B 135 1.16 -26.25 -19.88
N ALA B 136 1.13 -27.55 -19.73
CA ALA B 136 0.17 -28.14 -18.82
C ALA B 136 0.61 -27.93 -17.38
N ILE B 137 -0.38 -27.71 -16.52
CA ILE B 137 -0.18 -27.58 -15.08
C ILE B 137 -0.91 -28.73 -14.45
N ASN B 138 -0.22 -29.84 -14.23
CA ASN B 138 -0.77 -31.01 -13.56
C ASN B 138 -0.51 -31.01 -12.05
N GLY B 139 0.35 -30.12 -11.59
CA GLY B 139 0.62 -29.96 -10.17
C GLY B 139 1.27 -28.63 -9.92
N ILE B 140 1.36 -28.29 -8.65
CA ILE B 140 2.00 -27.01 -8.34
C ILE B 140 3.41 -26.94 -8.88
N ALA B 141 4.11 -28.07 -8.94
CA ALA B 141 5.46 -28.09 -9.49
C ALA B 141 5.55 -27.44 -10.86
N ASP B 142 4.53 -27.63 -11.69
CA ASP B 142 4.59 -27.07 -13.02
C ASP B 142 4.47 -25.57 -13.05
N MET B 143 4.20 -24.94 -11.90
CA MET B 143 4.11 -23.47 -11.87
C MET B 143 5.47 -22.81 -11.88
N LYS B 144 6.52 -23.57 -11.56
CA LYS B 144 7.83 -22.98 -11.33
C LYS B 144 8.35 -22.36 -12.62
N GLY B 145 8.76 -21.11 -12.54
CA GLY B 145 9.25 -20.44 -13.72
C GLY B 145 8.20 -20.06 -14.74
N LEU B 146 6.94 -20.41 -14.54
CA LEU B 146 5.90 -19.99 -15.47
C LEU B 146 5.79 -18.46 -15.43
N LYS B 147 6.02 -17.79 -16.56
CA LYS B 147 5.84 -16.34 -16.67
C LYS B 147 4.34 -16.02 -16.67
N LEU B 148 3.79 -15.76 -15.48
CA LEU B 148 2.35 -15.64 -15.28
C LEU B 148 1.92 -14.17 -15.25
N ARG B 149 1.19 -13.73 -16.25
CA ARG B 149 0.64 -12.38 -16.21
C ARG B 149 -0.37 -12.24 -15.06
N VAL B 150 -0.38 -11.07 -14.44
CA VAL B 150 -1.38 -10.73 -13.42
C VAL B 150 -1.79 -9.30 -13.62
N PRO B 151 -2.95 -8.92 -13.10
CA PRO B 151 -3.31 -7.50 -13.07
C PRO B 151 -2.45 -6.73 -12.08
N ASN B 152 -2.59 -5.40 -12.08
CA ASN B 152 -1.80 -4.57 -11.17
C ASN B 152 -2.43 -4.61 -9.77
N ALA B 153 -2.29 -5.75 -9.12
CA ALA B 153 -2.97 -5.97 -7.86
C ALA B 153 -2.13 -6.86 -6.99
N ALA B 154 -1.98 -6.53 -5.70
CA ALA B 154 -1.01 -7.19 -4.85
C ALA B 154 -1.40 -8.63 -4.52
N THR B 155 -2.68 -8.91 -4.45
CA THR B 155 -3.07 -10.27 -4.14
C THR B 155 -2.87 -11.21 -5.33
N ASN B 156 -3.02 -10.73 -6.54
CA ASN B 156 -2.70 -11.59 -7.68
C ASN B 156 -1.19 -11.78 -7.81
N LEU B 157 -0.42 -10.71 -7.70
CA LEU B 157 1.02 -10.85 -7.60
C LEU B 157 1.43 -11.89 -6.58
N ALA B 158 0.85 -11.83 -5.38
CA ALA B 158 1.17 -12.83 -4.37
C ALA B 158 0.82 -14.24 -4.79
N TYR B 159 -0.37 -14.46 -5.33
CA TYR B 159 -0.69 -15.79 -5.80
C TYR B 159 0.46 -16.31 -6.63
N ALA B 160 0.89 -15.50 -7.59
CA ALA B 160 1.88 -15.97 -8.53
C ALA B 160 3.18 -16.29 -7.80
N LYS B 161 3.57 -15.43 -6.86
CA LYS B 161 4.85 -15.58 -6.16
C LYS B 161 4.89 -16.83 -5.31
N TYR B 162 3.84 -17.07 -4.56
CA TYR B 162 3.89 -18.11 -3.56
C TYR B 162 3.59 -19.47 -4.14
N VAL B 163 3.10 -19.54 -5.38
CA VAL B 163 3.05 -20.85 -6.02
C VAL B 163 4.31 -21.10 -6.83
N GLY B 164 5.20 -20.14 -6.87
CA GLY B 164 6.48 -20.38 -7.48
C GLY B 164 6.57 -19.90 -8.91
N ALA B 165 5.56 -19.17 -9.40
CA ALA B 165 5.59 -18.59 -10.72
C ALA B 165 6.37 -17.29 -10.72
N SER B 166 6.57 -16.74 -11.93
CA SER B 166 7.23 -15.46 -12.13
C SER B 166 6.20 -14.45 -12.55
N PRO B 167 5.77 -13.55 -11.67
CA PRO B 167 4.66 -12.67 -12.03
C PRO B 167 5.06 -11.56 -12.97
N THR B 168 4.14 -11.24 -13.88
CA THR B 168 4.33 -10.10 -14.77
C THR B 168 3.09 -9.24 -14.79
N PRO B 169 3.08 -8.11 -14.08
CA PRO B 169 1.91 -7.23 -14.13
C PRO B 169 1.73 -6.52 -15.46
N MET B 170 0.50 -6.54 -15.95
CA MET B 170 0.16 -5.63 -17.05
C MET B 170 -1.34 -5.39 -17.17
N ALA B 171 -1.68 -4.30 -17.84
CA ALA B 171 -3.09 -3.99 -17.99
C ALA B 171 -3.86 -5.03 -18.81
N PHE B 172 -5.17 -5.10 -18.53
CA PHE B 172 -6.06 -6.04 -19.18
C PHE B 172 -5.97 -5.90 -20.70
N SER B 173 -5.91 -4.67 -21.18
CA SER B 173 -5.92 -4.45 -22.62
C SER B 173 -4.80 -5.17 -23.34
N GLU B 174 -3.70 -5.43 -22.66
CA GLU B 174 -2.47 -5.82 -23.32
C GLU B 174 -2.27 -7.32 -23.29
N VAL B 175 -3.20 -8.07 -22.73
CA VAL B 175 -2.92 -9.47 -22.40
C VAL B 175 -2.97 -10.34 -23.64
N TYR B 176 -3.93 -10.10 -24.50
CA TYR B 176 -4.07 -10.95 -25.67
C TYR B 176 -2.78 -11.02 -26.46
N LEU B 177 -2.26 -9.85 -26.85
CA LEU B 177 -1.03 -9.78 -27.62
C LEU B 177 0.14 -10.36 -26.85
N ALA B 178 0.16 -10.23 -25.53
CA ALA B 178 1.29 -10.81 -24.82
C ALA B 178 1.22 -12.32 -24.85
N LEU B 179 0.03 -12.88 -24.83
CA LEU B 179 -0.08 -14.33 -24.89
C LEU B 179 0.22 -14.82 -26.30
N GLN B 180 -0.25 -14.07 -27.29
CA GLN B 180 -0.02 -14.40 -28.69
C GLN B 180 1.46 -14.45 -28.99
N THR B 181 2.22 -13.47 -28.50
CA THR B 181 3.66 -13.45 -28.75
C THR B 181 4.41 -14.37 -27.81
N ASN B 182 3.73 -15.04 -26.88
CA ASN B 182 4.38 -15.78 -25.80
C ASN B 182 5.49 -15.00 -25.12
N SER B 183 5.36 -13.67 -25.04
CA SER B 183 6.20 -12.93 -24.10
C SER B 183 5.87 -13.23 -22.63
N VAL B 184 4.66 -13.74 -22.36
CA VAL B 184 4.30 -14.33 -21.08
C VAL B 184 3.76 -15.72 -21.38
N ASP B 185 3.81 -16.59 -20.37
CA ASP B 185 3.44 -17.97 -20.64
C ASP B 185 2.00 -18.30 -20.26
N GLY B 186 1.36 -17.45 -19.44
CA GLY B 186 0.04 -17.77 -18.91
C GLY B 186 -0.60 -16.53 -18.31
N GLN B 187 -1.77 -16.71 -17.68
CA GLN B 187 -2.84 -15.73 -17.56
C GLN B 187 -3.76 -16.34 -16.50
N GLU B 188 -4.36 -15.51 -15.65
CA GLU B 188 -5.37 -16.01 -14.73
C GLU B 188 -6.57 -15.07 -14.62
N ASN B 189 -7.75 -15.64 -14.76
CA ASN B 189 -9.01 -14.90 -14.83
C ASN B 189 -10.13 -15.90 -14.76
N PRO B 190 -11.35 -15.44 -14.49
CA PRO B 190 -12.49 -16.37 -14.56
C PRO B 190 -12.71 -16.88 -15.97
N LEU B 191 -13.35 -18.05 -16.04
CA LEU B 191 -13.60 -18.73 -17.31
C LEU B 191 -14.38 -17.85 -18.25
N ALA B 192 -15.33 -17.09 -17.71
CA ALA B 192 -16.13 -16.29 -18.62
C ALA B 192 -15.31 -15.21 -19.28
N THR B 193 -14.25 -14.75 -18.62
CA THR B 193 -13.35 -13.76 -19.19
C THR B 193 -12.43 -14.43 -20.22
N VAL B 194 -11.98 -15.66 -19.94
CA VAL B 194 -11.19 -16.35 -20.94
C VAL B 194 -11.97 -16.41 -22.26
N GLN B 195 -13.28 -16.70 -22.18
CA GLN B 195 -14.18 -16.66 -23.35
C GLN B 195 -14.32 -15.26 -23.95
N ALA B 196 -14.69 -14.26 -23.15
CA ALA B 196 -14.96 -12.96 -23.75
C ALA B 196 -13.74 -12.36 -24.44
N GLN B 197 -12.57 -12.52 -23.85
CA GLN B 197 -11.34 -12.03 -24.45
C GLN B 197 -10.70 -13.01 -25.42
N LYS B 198 -11.24 -14.22 -25.54
CA LYS B 198 -10.78 -15.19 -26.53
C LYS B 198 -9.31 -15.51 -26.26
N PHE B 199 -8.98 -15.57 -24.98
CA PHE B 199 -7.67 -16.08 -24.59
C PHE B 199 -7.50 -17.54 -24.97
N TYR B 200 -8.59 -18.29 -25.14
CA TYR B 200 -8.48 -19.69 -25.54
C TYR B 200 -7.93 -19.83 -26.96
N GLU B 201 -8.01 -18.76 -27.76
CA GLU B 201 -7.37 -18.79 -29.06
C GLU B 201 -5.84 -18.83 -28.95
N VAL B 202 -5.25 -18.43 -27.82
CA VAL B 202 -3.79 -18.29 -27.74
C VAL B 202 -3.27 -18.95 -26.49
N GLN B 203 -4.08 -19.85 -25.94
CA GLN B 203 -3.70 -20.61 -24.78
C GLN B 203 -4.16 -22.05 -24.95
N LYS B 204 -3.22 -22.98 -24.95
CA LYS B 204 -3.56 -24.35 -25.27
C LYS B 204 -4.01 -25.12 -24.05
N TYR B 205 -3.79 -24.56 -22.86
CA TYR B 205 -4.02 -25.27 -21.60
C TYR B 205 -4.80 -24.45 -20.57
N LEU B 206 -5.40 -25.17 -19.61
CA LEU B 206 -6.30 -24.53 -18.66
C LEU B 206 -6.32 -25.42 -17.45
N ALA B 207 -6.12 -24.79 -16.29
CA ALA B 207 -6.05 -25.50 -15.03
C ALA B 207 -7.02 -24.89 -14.05
N ILE B 208 -7.82 -25.74 -13.42
CA ILE B 208 -8.79 -25.33 -12.39
C ILE B 208 -8.03 -25.15 -11.09
N THR B 209 -7.62 -23.90 -10.82
CA THR B 209 -6.90 -23.56 -9.60
C THR B 209 -7.81 -22.92 -8.56
N ASN B 210 -8.97 -22.41 -8.95
CA ASN B 210 -9.94 -21.88 -8.00
C ASN B 210 -9.33 -20.94 -6.97
N HIS B 211 -8.32 -20.19 -7.36
CA HIS B 211 -7.52 -19.52 -6.35
C HIS B 211 -8.16 -18.23 -5.80
N ILE B 212 -8.86 -17.44 -6.61
CA ILE B 212 -9.44 -16.17 -6.17
C ILE B 212 -10.86 -16.07 -6.71
N LEU B 213 -11.83 -15.96 -5.82
CA LEU B 213 -13.18 -15.65 -6.22
C LEU B 213 -13.40 -14.14 -6.33
N ASN B 214 -13.91 -13.67 -7.47
CA ASN B 214 -14.17 -12.27 -7.75
C ASN B 214 -15.65 -12.00 -7.57
N ASP B 215 -16.00 -10.98 -6.77
CA ASP B 215 -17.30 -10.35 -6.80
C ASP B 215 -17.23 -9.14 -7.72
N GLN B 216 -18.36 -8.42 -7.82
CA GLN B 216 -18.43 -7.24 -8.67
C GLN B 216 -19.45 -6.28 -8.06
N LEU B 217 -19.00 -5.05 -7.74
CA LEU B 217 -19.82 -4.07 -7.04
C LEU B 217 -20.29 -3.04 -8.05
N TYR B 218 -21.61 -2.85 -8.13
CA TYR B 218 -22.20 -1.75 -8.88
C TYR B 218 -22.04 -0.48 -8.04
N LEU B 219 -21.25 0.45 -8.51
CA LEU B 219 -20.99 1.66 -7.76
C LEU B 219 -21.45 2.90 -8.48
N VAL B 220 -21.91 3.88 -7.68
CA VAL B 220 -22.31 5.16 -8.25
C VAL B 220 -21.61 6.28 -7.50
N SER B 221 -21.30 7.36 -8.23
CA SER B 221 -20.80 8.59 -7.63
C SER B 221 -21.76 9.05 -6.54
N SER B 222 -21.25 9.26 -5.35
CA SER B 222 -22.12 9.76 -4.29
C SER B 222 -22.67 11.12 -4.67
N GLU B 223 -21.87 11.92 -5.35
CA GLU B 223 -22.34 13.23 -5.79
C GLU B 223 -23.52 13.09 -6.75
N THR B 224 -23.42 12.19 -7.72
CA THR B 224 -24.49 12.03 -8.69
C THR B 224 -25.74 11.49 -8.02
N PHE B 225 -25.57 10.48 -7.18
CA PHE B 225 -26.70 9.86 -6.52
C PHE B 225 -27.43 10.86 -5.65
N ALA B 226 -26.70 11.62 -4.85
CA ALA B 226 -27.35 12.58 -3.97
C ALA B 226 -28.16 13.64 -4.72
N ASP B 227 -27.77 13.93 -5.96
CA ASP B 227 -28.51 14.91 -6.74
C ASP B 227 -29.80 14.36 -7.31
N LEU B 228 -29.91 13.04 -7.48
CA LEU B 228 -31.16 12.47 -7.94
C LEU B 228 -32.22 12.67 -6.88
N PRO B 229 -33.47 12.81 -7.28
CA PRO B 229 -34.54 12.80 -6.28
C PRO B 229 -34.73 11.42 -5.69
N GLU B 230 -35.33 11.42 -4.51
CA GLU B 230 -35.43 10.19 -3.75
C GLU B 230 -36.08 9.08 -4.55
N ASP B 231 -37.16 9.38 -5.29
CA ASP B 231 -37.84 8.31 -6.01
C ASP B 231 -36.95 7.75 -7.12
N LEU B 232 -36.11 8.59 -7.70
CA LEU B 232 -35.20 8.04 -8.69
C LEU B 232 -34.02 7.31 -8.05
N GLN B 233 -33.56 7.75 -6.88
CA GLN B 233 -32.54 7.00 -6.16
C GLN B 233 -32.97 5.56 -5.97
N LYS B 234 -34.18 5.39 -5.45
CA LYS B 234 -34.75 4.06 -5.31
C LYS B 234 -34.77 3.32 -6.63
N VAL B 235 -35.18 3.98 -7.72
CA VAL B 235 -35.25 3.29 -9.00
C VAL B 235 -33.88 2.78 -9.41
N VAL B 236 -32.86 3.62 -9.28
CA VAL B 236 -31.52 3.25 -9.66
C VAL B 236 -30.99 2.12 -8.78
N LYS B 237 -31.19 2.22 -7.47
CA LYS B 237 -30.76 1.15 -6.58
C LYS B 237 -31.45 -0.17 -6.94
N LYS B 238 -32.77 -0.17 -7.04
CA LYS B 238 -33.46 -1.41 -7.36
C LYS B 238 -33.00 -1.97 -8.69
N ALA B 239 -32.88 -1.11 -9.72
CA ALA B 239 -32.35 -1.56 -10.99
C ALA B 239 -30.96 -2.20 -10.87
N ALA B 240 -30.07 -1.59 -10.07
CA ALA B 240 -28.75 -2.20 -9.88
C ALA B 240 -28.87 -3.57 -9.22
N GLN B 241 -29.83 -3.73 -8.33
CA GLN B 241 -30.03 -5.04 -7.71
C GLN B 241 -30.53 -6.08 -8.71
N LYS B 242 -31.45 -5.70 -9.59
CA LYS B 242 -31.94 -6.64 -10.59
C LYS B 242 -30.86 -6.99 -11.59
N ALA B 243 -30.03 -6.02 -11.94
CA ALA B 243 -28.88 -6.30 -12.81
C ALA B 243 -27.89 -7.25 -12.13
N ALA B 244 -27.70 -7.09 -10.82
CA ALA B 244 -26.75 -7.96 -10.14
C ALA B 244 -27.24 -9.40 -10.07
N GLU B 245 -28.54 -9.58 -9.90
CA GLU B 245 -29.12 -10.91 -10.03
C GLU B 245 -28.77 -11.53 -11.38
N TYR B 246 -29.02 -10.80 -12.48
CA TYR B 246 -28.73 -11.29 -13.83
C TYR B 246 -27.22 -11.53 -14.02
N HIS B 247 -26.42 -10.55 -13.64
CA HIS B 247 -24.96 -10.71 -13.58
C HIS B 247 -24.54 -12.04 -12.94
N THR B 248 -24.93 -12.27 -11.69
CA THR B 248 -24.52 -13.49 -11.01
C THR B 248 -24.93 -14.73 -11.80
N LYS B 249 -26.19 -14.77 -12.26
CA LYS B 249 -26.70 -15.92 -13.03
C LYS B 249 -25.88 -16.18 -14.27
N LEU B 250 -25.43 -15.13 -14.96
CA LEU B 250 -24.61 -15.36 -16.15
C LEU B 250 -23.31 -16.07 -15.78
N PHE B 251 -22.70 -15.68 -14.67
CA PHE B 251 -21.45 -16.32 -14.30
C PHE B 251 -21.69 -17.71 -13.74
N VAL B 252 -22.70 -17.89 -12.90
CA VAL B 252 -22.99 -19.21 -12.34
C VAL B 252 -23.36 -20.20 -13.45
N ASP B 253 -24.19 -19.78 -14.40
CA ASP B 253 -24.54 -20.69 -15.48
C ASP B 253 -23.32 -20.99 -16.33
N GLY B 254 -22.57 -19.99 -16.72
CA GLY B 254 -21.37 -20.28 -17.48
C GLY B 254 -20.46 -21.32 -16.81
N GLU B 255 -20.34 -21.27 -15.47
CA GLU B 255 -19.32 -22.10 -14.83
C GLU B 255 -19.71 -23.57 -14.82
N LYS B 256 -20.96 -23.88 -15.17
CA LYS B 256 -21.39 -25.25 -15.33
C LYS B 256 -21.02 -25.85 -16.69
N GLU B 257 -20.69 -25.03 -17.68
CA GLU B 257 -20.50 -25.57 -19.00
C GLU B 257 -19.32 -24.99 -19.77
N LEU B 258 -18.54 -24.05 -19.23
CA LEU B 258 -17.49 -23.46 -20.05
C LEU B 258 -16.25 -24.37 -20.13
N VAL B 259 -16.07 -25.29 -19.20
CA VAL B 259 -15.00 -26.25 -19.36
C VAL B 259 -15.21 -27.07 -20.63
N THR B 260 -16.44 -27.51 -20.83
CA THR B 260 -16.77 -28.24 -22.06
C THR B 260 -16.57 -27.39 -23.28
N PHE B 261 -17.01 -26.13 -23.27
CA PHE B 261 -16.77 -25.23 -24.40
C PHE B 261 -15.29 -25.14 -24.77
N PHE B 262 -14.42 -25.05 -23.76
CA PHE B 262 -12.99 -24.87 -24.07
C PHE B 262 -12.44 -26.20 -24.61
N GLU B 263 -12.86 -27.32 -24.03
CA GLU B 263 -12.40 -28.59 -24.59
C GLU B 263 -12.79 -28.73 -26.05
N LYS B 264 -13.98 -28.24 -26.45
CA LYS B 264 -14.40 -28.30 -27.84
C LYS B 264 -13.54 -27.42 -28.73
N GLN B 265 -12.92 -26.40 -28.16
CA GLN B 265 -12.01 -25.54 -28.90
C GLN B 265 -10.61 -26.10 -28.91
N GLY B 266 -10.43 -27.27 -28.34
CA GLY B 266 -9.14 -27.91 -28.35
C GLY B 266 -8.26 -27.57 -27.17
N VAL B 267 -8.79 -26.89 -26.18
CA VAL B 267 -8.02 -26.59 -24.98
C VAL B 267 -7.94 -27.85 -24.15
N THR B 268 -6.77 -28.09 -23.52
CA THR B 268 -6.57 -29.22 -22.63
C THR B 268 -6.67 -28.76 -21.18
N VAL B 269 -7.47 -29.46 -20.40
CA VAL B 269 -7.91 -29.00 -19.10
C VAL B 269 -7.36 -29.93 -18.06
N THR B 270 -6.70 -29.35 -17.05
CA THR B 270 -6.26 -30.12 -15.89
C THR B 270 -7.02 -29.70 -14.64
N HIS B 271 -7.19 -30.68 -13.75
CA HIS B 271 -7.67 -30.47 -12.38
C HIS B 271 -6.60 -30.84 -11.36
N PRO B 272 -5.60 -29.98 -11.14
CA PRO B 272 -4.53 -30.38 -10.22
C PRO B 272 -5.01 -30.47 -8.78
N ASP B 273 -4.31 -31.29 -8.00
CA ASP B 273 -4.50 -31.35 -6.54
C ASP B 273 -4.21 -30.00 -5.89
N LEU B 274 -5.23 -29.43 -5.23
CA LEU B 274 -5.17 -28.04 -4.78
C LEU B 274 -4.70 -27.92 -3.36
N THR B 275 -4.54 -29.01 -2.66
CA THR B 275 -4.10 -28.89 -1.28
C THR B 275 -2.65 -28.43 -1.19
N PRO B 276 -1.81 -28.73 -2.17
CA PRO B 276 -0.52 -28.02 -2.22
C PRO B 276 -0.63 -26.53 -2.49
N PHE B 277 -1.53 -26.10 -3.35
CA PHE B 277 -1.75 -24.66 -3.59
C PHE B 277 -2.22 -23.96 -2.32
N LYS B 278 -3.19 -24.54 -1.62
CA LYS B 278 -3.64 -23.99 -0.35
C LYS B 278 -2.51 -23.90 0.67
N ASP B 279 -1.69 -24.95 0.75
CA ASP B 279 -0.53 -24.96 1.65
C ASP B 279 0.47 -23.90 1.29
N ALA B 280 0.75 -23.75 0.02
CA ALA B 280 1.69 -22.77 -0.39
C ALA B 280 1.27 -21.35 0.00
N MET B 281 -0.03 -21.14 0.27
CA MET B 281 -0.47 -19.79 0.60
C MET B 281 -0.39 -19.52 2.09
N LYS B 282 -0.10 -20.51 2.89
CA LYS B 282 0.01 -20.28 4.32
C LYS B 282 1.06 -19.25 4.72
N PRO B 283 2.25 -19.22 4.16
CA PRO B 283 3.17 -18.12 4.52
C PRO B 283 2.66 -16.75 4.06
N TYR B 284 1.84 -16.72 3.02
CA TYR B 284 1.27 -15.42 2.61
C TYR B 284 0.24 -14.95 3.64
N TYR B 285 -0.65 -15.82 4.08
CA TYR B 285 -1.53 -15.42 5.17
C TYR B 285 -0.75 -14.80 6.32
N ALA B 286 0.35 -15.45 6.72
CA ALA B 286 1.16 -14.95 7.83
C ALA B 286 1.78 -13.61 7.51
N GLU B 287 2.29 -13.43 6.31
CA GLU B 287 2.74 -12.11 5.93
C GLU B 287 1.60 -11.08 5.95
N PHE B 288 0.39 -11.43 5.49
CA PHE B 288 -0.73 -10.50 5.59
C PHE B 288 -0.92 -10.05 7.02
N VAL B 289 -0.96 -11.03 7.92
CA VAL B 289 -1.23 -10.71 9.30
C VAL B 289 -0.10 -9.90 9.89
N LYS B 290 1.14 -10.14 9.44
CA LYS B 290 2.26 -9.37 9.96
C LYS B 290 2.14 -7.91 9.59
N GLN B 291 1.72 -7.61 8.35
CA GLN B 291 1.73 -6.21 7.94
C GLN B 291 0.50 -5.47 8.44
N THR B 292 -0.63 -6.17 8.61
CA THR B 292 -1.84 -5.50 9.07
C THR B 292 -2.13 -5.74 10.54
N GLY B 293 -1.31 -6.52 11.22
CA GLY B 293 -1.40 -6.57 12.66
C GLY B 293 -2.62 -7.29 13.21
N ALA B 294 -2.84 -7.05 14.50
CA ALA B 294 -3.91 -7.75 15.20
C ALA B 294 -5.26 -7.49 14.54
N LYS B 295 -5.46 -6.30 13.98
CA LYS B 295 -6.75 -6.03 13.35
C LYS B 295 -6.92 -6.87 12.10
N GLY B 296 -5.87 -7.01 11.32
CA GLY B 296 -5.96 -7.80 10.11
C GLY B 296 -6.14 -9.25 10.45
N GLU B 297 -5.50 -9.70 11.53
CA GLU B 297 -5.70 -11.08 11.96
C GLU B 297 -7.15 -11.33 12.37
N GLU B 298 -7.80 -10.31 12.93
CA GLU B 298 -9.16 -10.49 13.42
C GLU B 298 -10.15 -10.55 12.27
N VAL B 299 -9.94 -9.70 11.27
CA VAL B 299 -10.76 -9.73 10.07
C VAL B 299 -10.60 -11.06 9.35
N LEU B 300 -9.38 -11.56 9.25
CA LEU B 300 -9.19 -12.86 8.63
C LEU B 300 -9.89 -13.95 9.42
N LYS B 301 -9.92 -13.84 10.74
CA LYS B 301 -10.63 -14.83 11.53
C LYS B 301 -12.14 -14.70 11.33
N GLN B 302 -12.67 -13.49 11.44
CA GLN B 302 -14.09 -13.27 11.16
C GLN B 302 -14.52 -13.96 9.86
N ILE B 303 -13.76 -13.75 8.78
CA ILE B 303 -14.18 -14.25 7.47
C ILE B 303 -14.00 -15.76 7.41
N GLN B 304 -12.94 -16.27 8.01
CA GLN B 304 -12.79 -17.73 8.00
C GLN B 304 -13.88 -18.42 8.81
N ALA B 305 -14.52 -17.74 9.76
CA ALA B 305 -15.64 -18.29 10.53
C ALA B 305 -17.02 -18.00 9.88
N ILE B 306 -17.12 -17.82 8.57
CA ILE B 306 -18.42 -17.61 7.94
C ILE B 306 -19.03 -18.96 7.57
N ASN B 307 -18.32 -19.73 6.76
CA ASN B 307 -18.77 -21.05 6.31
C ASN B 307 -20.19 -21.14 5.69
C1 SLB C . 17.40 2.45 7.81
C2 SLB C . 16.81 3.60 8.64
C3 SLB C . 17.28 3.55 10.11
C4 SLB C . 16.41 4.40 10.94
C5 SLB C . 14.93 4.04 10.73
C6 SLB C . 14.50 4.25 9.31
C7 SLB C . 13.05 3.94 8.93
C8 SLB C . 12.82 3.97 7.42
C9 SLB C . 11.37 3.80 6.98
C10 SLB C . 13.33 4.68 12.58
C11 SLB C . 12.52 5.70 13.37
N5 SLB C . 14.11 5.00 11.48
O1A SLB C . 18.24 2.72 6.89
O1B SLB C . 16.98 1.28 8.03
O2 SLB C . 17.22 4.81 8.09
O4 SLB C . 16.69 4.19 12.31
O6 SLB C . 15.35 3.51 8.39
O7 SLB C . 12.76 2.62 9.33
O8 SLB C . 13.40 5.18 6.93
O9 SLB C . 10.53 4.68 7.69
O10 SLB C . 13.31 3.51 12.94
H32 SLB C . 17.23 2.52 10.47
H31 SLB C . 18.31 3.91 10.17
H4 SLB C . 16.59 5.45 10.69
H5 SLB C . 14.81 3.01 11.05
H6 SLB C . 14.54 5.32 9.21
H7 SLB C . 12.42 4.68 9.42
H8 SLB C . 13.32 3.12 6.98
H92 SLB C . 11.06 2.78 7.18
H91 SLB C . 11.28 4.00 5.92
H111 SLB C . 11.99 5.19 14.18
H113 SLB C . 13.19 6.45 13.79
H112 SLB C . 11.81 6.18 12.72
HN5 SLB C . 14.11 5.95 11.17
HO2 SLB C . 18.16 4.89 8.18
HO4 SLB C . 17.34 4.82 12.56
HO7 SLB C . 11.84 2.57 9.55
HO8 SLB C . 13.45 5.15 6.00
HO9 SLB C . 9.77 4.85 7.18
C1 SLB D . -7.82 -8.45 -15.34
C2 SLB D . -9.18 -8.24 -14.62
C3 SLB D . -10.21 -7.66 -15.58
C4 SLB D . -11.45 -7.26 -14.86
C5 SLB D . -11.03 -6.27 -13.75
C6 SLB D . -10.16 -6.90 -12.74
C7 SLB D . -9.60 -6.21 -11.51
C8 SLB D . -8.55 -7.08 -10.78
C9 SLB D . -8.05 -6.36 -9.53
C10 SLB D . -12.67 -4.58 -12.84
C11 SLB D . -13.96 -4.28 -12.09
N5 SLB D . -12.24 -5.91 -13.00
O1A SLB D . -7.41 -9.64 -15.55
O1B SLB D . -7.14 -7.42 -15.63
O2 SLB D . -9.60 -9.50 -14.21
O4 SLB D . -12.31 -6.52 -15.73
O6 SLB D . -8.97 -7.50 -13.36
O7 SLB D . -8.92 -5.09 -11.97
O8 SLB D . -9.04 -8.37 -10.45
O9 SLB D . -9.10 -6.05 -8.63
O10 SLB D . -12.05 -3.61 -13.34
H32 SLB D . -9.79 -6.79 -16.07
H31 SLB D . -10.46 -8.40 -16.33
H4 SLB D . -11.98 -8.14 -14.51
H5 SLB D . -10.55 -5.42 -14.22
H6 SLB D . -10.93 -7.52 -12.30
H7 SLB D . -10.42 -6.01 -10.83
H8 SLB D . -7.73 -7.23 -11.47
H92 SLB D . -7.56 -5.43 -9.84
H91 SLB D . -7.33 -7.00 -9.03
H111 SLB D . -14.13 -3.21 -12.07
H113 SLB D . -14.79 -4.76 -12.60
H112 SLB D . -13.89 -4.66 -11.08
HN5 SLB D . -12.78 -6.65 -12.57
HO2 SLB D . -9.51 -10.12 -14.91
HO4 SLB D . -12.91 -7.12 -16.13
HO7 SLB D . -9.15 -4.38 -11.42
HO8 SLB D . -8.32 -8.94 -10.22
HO9 SLB D . -8.79 -6.06 -7.74
#